data_9CO9
#
_entry.id   9CO9
#
_cell.length_a   1.00
_cell.length_b   1.00
_cell.length_c   1.00
_cell.angle_alpha   90.00
_cell.angle_beta   90.00
_cell.angle_gamma   90.00
#
_symmetry.space_group_name_H-M   'P 1'
#
loop_
_entity.id
_entity.type
_entity.pdbx_description
1 polymer 'Spike glycoprotein'
2 polymer Nanosota-9
#
loop_
_entity_poly.entity_id
_entity_poly.type
_entity_poly.pdbx_seq_one_letter_code
_entity_poly.pdbx_strand_id
1 'polypeptide(L)'
;MFVFLVLLPLVSSQCVMPLFNLITTTQSYTNSFTRGVYYPDKVFRSSVLHLTQDLFLPFFSNVTWFHAISGTNGTKRFDN
PVLPFNDGVYFASTEKSNIIRGWIFGTTLDSKTQSLLIVNNATNVFIKVCEFQFCNDPFLDVYHKNNKSWMESESGVYSS
ANNCTFEYVSQPFLMDLEGKQGNFKNLREFVFKNIDGYFKIYSKHTPIIGRDFPQGFSALEPLVDLPIGINITRFQTLLA
LNRSYLTPGDSSSGWTAGAADYYVGYLQPRTFLLKYNENGTITDAVDCALDPLSETKCTLKSFTVEKGIYQTSNFRVQPT
ESIVRFPNVTNLCPFHEVFNATRFASVYAWNRTRISNCVADYSVLYNFAPFFAFKCYGVSPTKLNDLCFTNVYADSFVIK
GNEVSQIAPGQTGNIADYNYKLPDDFTGCVIAWNSNKLDSKHSGNYDYWYRSFRKSKLKPFERDISTEIYQAGNKPCKGK
GPNCYFPLQSYGFRPTYGVGHQPYRVVVLSFELLHAPATVCGPKKSTNLVKNKCVNFNFNGLTGTGVLTKSNKKFLPFQQ
FGRDIVDTTDAVRDPQTLEILDITPCSFGGVSVITPGTNTSNQVAVLYQGVNCTEVSVAIHADQLTPTWRVYSTGSNVFQ
TRAGCLIGAEYVNNSYECDIPIGAGICASYQTQTKSRAGARSVASQSIIAYTMSLGAENSVAYSNNSIAIPTNFTISVTT
EILPVSMTKTSVDCTMYICGDSTECSNLLLQYGSFCTQLKRALTGIAVEQDKNTQEVFAQVKQIYKTPPIKYFGGFNFSQ
ILPDPSKPSKRSPIEDLLFNKVTLADAGFIKQYGDCLGDIAARDLICAQKFNGLTVLPPLLTDEMIAQYTSALLAGTITS
GWTFGAGPALQIPFPMQMAYRFNGIGVTQNVLYENQKLIANQFNSAIGKIQDSLFSTPSALGKLQDVVNHNAQALNTLVK
QLSSKFGAISSVLNDILSRLDPPEAEVQIDRLITGRLQSLQTYVTQQLIRAAEIRASANLAATKMSECVLGQSKRVDFCG
KGYHLMSFPQSAPHGVVFLHVTYVPAQEKNFTTAPAICHDGKAHFPREGVFVSNGTHWFVTQRNFYEPQIITTDNTFVSG
NCDVVIGIVNNTVYDPLQLELDSFKEELDKYFKNHTSPDVDLGDISGINASVVNIQKEIDRLNEVAKNLNESLIDLQELG
KYEQYIKGSGYIPEAPRDGQAYVRKDGEWVLLSTFLGHHHHHH
;
B,A
2 'polypeptide(L)'
;QVQLQESGGGLVQPGGSLRLSCTASGIALHTHATGWFRQAPGKEREGVSCISSGDGTTYYEDSVEGRFTISRDNAKNTVY
LQMNSLKLEDTAVYYCAADPGAVCHSGSYYYTDDDFYYRGQGTQVTVSSGGQHHHHHHGAYPYDVPDYAS
;
D,E
#
# COMPACT_ATOMS: atom_id res chain seq x y z
N PHE A 326 -11.35 43.31 -0.70
CA PHE A 326 -10.80 44.46 -1.42
C PHE A 326 -9.60 44.14 -2.33
N PRO A 327 -8.69 43.19 -1.95
CA PRO A 327 -7.71 42.73 -2.94
C PRO A 327 -8.27 41.65 -3.86
N ASN A 328 -7.92 41.72 -5.14
CA ASN A 328 -8.28 40.69 -6.10
C ASN A 328 -7.13 39.71 -6.23
N VAL A 329 -7.47 38.44 -6.45
CA VAL A 329 -6.46 37.38 -6.46
C VAL A 329 -5.66 37.46 -7.76
N THR A 330 -4.34 37.55 -7.62
CA THR A 330 -3.41 37.50 -8.73
C THR A 330 -2.24 36.61 -8.32
N ASN A 331 -1.29 36.42 -9.24
CA ASN A 331 -0.12 35.56 -9.04
C ASN A 331 -0.54 34.13 -8.70
N LEU A 332 -1.13 33.47 -9.70
CA LEU A 332 -1.72 32.15 -9.54
C LEU A 332 -0.71 31.01 -9.56
N CYS A 333 0.60 31.31 -9.45
CA CYS A 333 1.76 30.42 -9.36
C CYS A 333 2.01 29.66 -10.68
N PRO A 334 3.27 29.39 -11.02
CA PRO A 334 3.58 28.68 -12.27
C PRO A 334 3.54 27.16 -12.12
N PHE A 335 2.36 26.64 -11.76
CA PHE A 335 2.18 25.19 -11.77
C PHE A 335 2.00 24.64 -13.17
N HIS A 336 1.47 25.46 -14.10
CA HIS A 336 1.25 24.98 -15.46
C HIS A 336 2.54 24.89 -16.25
N GLU A 337 3.52 25.75 -15.94
CA GLU A 337 4.80 25.69 -16.63
C GLU A 337 5.63 24.49 -16.20
N VAL A 338 5.37 23.95 -15.02
CA VAL A 338 6.08 22.77 -14.54
C VAL A 338 5.45 21.49 -15.07
N PHE A 339 4.11 21.41 -14.99
CA PHE A 339 3.42 20.18 -15.33
C PHE A 339 3.37 19.95 -16.84
N ASN A 340 3.17 21.00 -17.62
CA ASN A 340 3.03 20.90 -19.06
C ASN A 340 4.35 21.42 -19.62
N ALA A 341 5.26 20.51 -19.94
CA ALA A 341 6.53 20.85 -20.57
C ALA A 341 6.79 19.87 -21.70
N THR A 342 7.64 20.30 -22.64
CA THR A 342 7.95 19.45 -23.79
C THR A 342 8.78 18.24 -23.37
N ARG A 343 9.67 18.41 -22.39
CA ARG A 343 10.50 17.32 -21.93
C ARG A 343 10.94 17.59 -20.49
N PHE A 344 11.14 16.51 -19.73
CA PHE A 344 11.67 16.61 -18.38
C PHE A 344 13.13 16.18 -18.35
N ALA A 345 13.73 16.26 -17.17
CA ALA A 345 15.11 15.89 -16.97
C ALA A 345 15.22 14.48 -16.39
N SER A 346 16.41 13.92 -16.48
CA SER A 346 16.65 12.56 -16.02
C SER A 346 16.66 12.51 -14.49
N VAL A 347 16.71 11.29 -13.96
CA VAL A 347 16.62 11.08 -12.52
C VAL A 347 17.87 11.59 -11.82
N TYR A 348 19.05 11.31 -12.40
CA TYR A 348 20.30 11.75 -11.80
C TYR A 348 20.49 13.26 -11.83
N ALA A 349 19.77 13.96 -12.70
CA ALA A 349 19.88 15.40 -12.88
C ALA A 349 18.52 16.06 -12.76
N TRP A 350 17.78 15.74 -11.69
CA TRP A 350 16.40 16.17 -11.55
C TRP A 350 16.32 17.68 -11.34
N ASN A 351 15.57 18.36 -12.20
CA ASN A 351 15.41 19.80 -12.11
C ASN A 351 14.41 20.16 -11.03
N ARG A 352 14.75 21.16 -10.23
CA ARG A 352 13.92 21.58 -9.11
C ARG A 352 13.64 23.07 -9.24
N THR A 353 12.37 23.45 -9.09
CA THR A 353 11.95 24.84 -9.17
C THR A 353 11.29 25.24 -7.85
N ARG A 354 11.31 26.55 -7.58
CA ARG A 354 10.76 27.10 -6.35
C ARG A 354 9.51 27.92 -6.68
N ILE A 355 8.45 27.68 -5.92
CA ILE A 355 7.18 28.37 -6.09
C ILE A 355 6.95 29.19 -4.82
N SER A 356 6.98 30.51 -4.96
CA SER A 356 6.85 31.40 -3.82
C SER A 356 6.34 32.75 -4.28
N ASN A 357 5.84 33.54 -3.31
CA ASN A 357 5.29 34.88 -3.53
C ASN A 357 4.15 34.86 -4.54
N CYS A 358 3.27 33.87 -4.39
CA CYS A 358 2.12 33.69 -5.28
C CYS A 358 1.09 32.85 -4.54
N VAL A 359 -0.16 32.93 -4.97
CA VAL A 359 -1.24 32.15 -4.39
C VAL A 359 -1.42 30.88 -5.21
N ALA A 360 -1.48 29.75 -4.53
CA ALA A 360 -1.46 28.44 -5.18
C ALA A 360 -2.88 27.89 -5.23
N ASP A 361 -3.43 27.81 -6.44
CA ASP A 361 -4.74 27.20 -6.66
C ASP A 361 -4.53 25.73 -6.98
N TYR A 362 -4.97 24.85 -6.07
CA TYR A 362 -4.81 23.42 -6.27
C TYR A 362 -6.03 22.82 -6.96
N SER A 363 -6.41 23.44 -8.08
CA SER A 363 -7.48 22.95 -8.93
C SER A 363 -7.05 22.72 -10.36
N VAL A 364 -5.95 23.35 -10.81
CA VAL A 364 -5.43 23.10 -12.15
C VAL A 364 -4.70 21.76 -12.23
N LEU A 365 -4.37 21.16 -11.10
CA LEU A 365 -3.71 19.84 -11.12
C LEU A 365 -4.67 18.73 -11.46
N TYR A 366 -5.96 18.88 -11.14
CA TYR A 366 -6.92 17.81 -11.35
C TYR A 366 -7.33 17.67 -12.81
N ASN A 367 -7.41 18.77 -13.55
CA ASN A 367 -7.81 18.72 -14.96
C ASN A 367 -6.61 18.60 -15.89
N PHE A 368 -5.75 17.62 -15.62
CA PHE A 368 -4.54 17.42 -16.40
C PHE A 368 -4.53 16.09 -17.17
N ALA A 369 -4.75 14.98 -16.47
CA ALA A 369 -4.55 13.66 -17.06
C ALA A 369 -5.30 12.64 -16.22
N PRO A 370 -5.56 11.43 -16.76
CA PRO A 370 -6.00 10.34 -15.88
C PRO A 370 -4.85 9.80 -15.05
N PHE A 371 -4.62 10.45 -13.91
CA PHE A 371 -3.43 10.24 -13.09
C PHE A 371 -3.30 8.81 -12.61
N PHE A 372 -2.06 8.33 -12.54
CA PHE A 372 -1.74 6.99 -12.08
C PHE A 372 -1.68 6.89 -10.58
N ALA A 373 -0.92 7.78 -9.93
CA ALA A 373 -0.73 7.72 -8.49
C ALA A 373 -0.79 9.11 -7.90
N PHE A 374 -1.56 9.26 -6.82
CA PHE A 374 -1.57 10.47 -6.00
C PHE A 374 -1.61 9.99 -4.55
N LYS A 375 -0.42 9.77 -3.98
CA LYS A 375 -0.28 9.19 -2.65
C LYS A 375 0.65 10.06 -1.83
N CYS A 376 0.20 10.47 -0.65
CA CYS A 376 1.03 11.32 0.19
C CYS A 376 0.59 11.27 1.65
N TYR A 377 1.49 11.76 2.51
CA TYR A 377 1.39 11.63 3.95
C TYR A 377 1.53 13.01 4.57
N GLY A 378 0.78 13.24 5.66
CA GLY A 378 0.93 14.45 6.45
C GLY A 378 -0.02 15.58 6.10
N VAL A 379 -0.68 15.53 4.94
CA VAL A 379 -1.65 16.55 4.57
C VAL A 379 -2.72 15.89 3.71
N SER A 380 -3.96 16.39 3.85
CA SER A 380 -5.09 15.85 3.11
C SER A 380 -5.15 16.46 1.71
N PRO A 381 -5.64 15.69 0.72
CA PRO A 381 -5.76 16.23 -0.65
C PRO A 381 -6.77 17.36 -0.77
N THR A 382 -7.99 17.13 -0.27
CA THR A 382 -9.04 18.13 -0.39
C THR A 382 -8.89 19.29 0.59
N LYS A 383 -8.00 19.17 1.57
CA LYS A 383 -7.78 20.22 2.56
C LYS A 383 -6.66 21.16 2.19
N LEU A 384 -6.04 21.00 1.02
CA LEU A 384 -4.91 21.83 0.62
C LEU A 384 -5.28 23.30 0.42
N ASN A 385 -6.57 23.60 0.21
CA ASN A 385 -6.96 24.97 -0.08
C ASN A 385 -6.92 25.85 1.17
N ASP A 386 -7.34 25.32 2.32
CA ASP A 386 -7.59 26.16 3.49
C ASP A 386 -6.52 26.03 4.57
N LEU A 387 -5.26 25.84 4.20
CA LEU A 387 -4.14 26.10 5.10
C LEU A 387 -3.08 26.87 4.33
N CYS A 388 -1.95 27.12 4.99
CA CYS A 388 -0.91 27.94 4.41
C CYS A 388 0.47 27.33 4.68
N PHE A 389 1.38 27.53 3.73
CA PHE A 389 2.79 27.20 3.89
C PHE A 389 3.59 28.43 3.49
N THR A 390 4.93 28.32 3.48
CA THR A 390 5.78 29.45 3.15
C THR A 390 6.66 29.19 1.95
N ASN A 391 7.26 28.00 1.79
CA ASN A 391 8.10 27.70 0.64
C ASN A 391 7.86 26.26 0.18
N VAL A 392 7.18 26.12 -0.95
CA VAL A 392 6.98 24.82 -1.58
C VAL A 392 8.00 24.64 -2.70
N TYR A 393 8.50 23.43 -2.84
CA TYR A 393 9.41 23.05 -3.91
C TYR A 393 8.71 22.08 -4.84
N ALA A 394 9.18 22.04 -6.09
CA ALA A 394 8.68 21.08 -7.06
C ALA A 394 9.84 20.57 -7.90
N ASP A 395 9.90 19.25 -8.08
CA ASP A 395 10.90 18.63 -8.94
C ASP A 395 10.23 17.60 -9.84
N SER A 396 10.83 17.36 -11.00
CA SER A 396 10.23 16.50 -12.01
C SER A 396 11.29 15.62 -12.66
N PHE A 397 10.95 14.36 -12.87
CA PHE A 397 11.80 13.37 -13.51
C PHE A 397 10.92 12.17 -13.88
N VAL A 398 11.45 11.33 -14.76
CA VAL A 398 10.74 10.17 -15.27
C VAL A 398 11.51 8.91 -14.93
N ILE A 399 10.77 7.86 -14.52
CA ILE A 399 11.35 6.63 -14.02
C ILE A 399 10.69 5.48 -14.78
N LYS A 400 11.40 4.36 -14.89
CA LYS A 400 10.82 3.08 -15.30
C LYS A 400 9.55 2.79 -14.51
N GLY A 401 8.61 2.11 -15.18
CA GLY A 401 7.27 1.93 -14.62
C GLY A 401 7.26 1.07 -13.37
N ASN A 402 8.11 0.06 -13.32
CA ASN A 402 8.15 -0.87 -12.19
C ASN A 402 8.88 -0.33 -10.96
N GLU A 403 9.20 0.95 -10.92
CA GLU A 403 10.06 1.46 -9.85
C GLU A 403 9.53 2.81 -9.37
N VAL A 404 8.26 3.12 -9.69
CA VAL A 404 7.58 4.30 -9.15
C VAL A 404 7.40 4.19 -7.65
N SER A 405 7.24 2.95 -7.14
CA SER A 405 6.99 2.73 -5.72
C SER A 405 8.16 3.16 -4.83
N GLN A 406 9.35 3.32 -5.38
CA GLN A 406 10.50 3.76 -4.60
C GLN A 406 10.46 5.25 -4.27
N ILE A 407 9.60 6.04 -4.91
CA ILE A 407 9.52 7.48 -4.62
C ILE A 407 8.52 7.62 -3.48
N ALA A 408 9.01 7.41 -2.27
CA ALA A 408 8.25 7.43 -1.04
C ALA A 408 9.25 7.40 0.12
N PRO A 409 8.86 7.87 1.31
CA PRO A 409 9.80 7.80 2.44
C PRO A 409 9.93 6.39 2.98
N GLY A 410 11.18 5.95 3.16
CA GLY A 410 11.47 4.73 3.88
C GLY A 410 11.75 3.48 3.06
N GLN A 411 12.01 3.61 1.77
CA GLN A 411 12.27 2.46 0.92
C GLN A 411 13.67 2.50 0.33
N THR A 412 14.12 1.36 -0.15
CA THR A 412 15.44 1.16 -0.72
C THR A 412 15.31 0.70 -2.17
N GLY A 413 16.44 0.70 -2.87
CA GLY A 413 16.46 0.31 -4.27
C GLY A 413 17.58 1.03 -5.00
N ASN A 414 17.55 0.93 -6.32
CA ASN A 414 18.56 1.59 -7.13
C ASN A 414 18.35 3.10 -7.14
N ILE A 415 17.11 3.55 -7.35
CA ILE A 415 16.82 4.97 -7.28
C ILE A 415 16.88 5.47 -5.84
N ALA A 416 16.28 4.71 -4.91
CA ALA A 416 16.08 5.18 -3.55
C ALA A 416 17.37 5.24 -2.74
N ASP A 417 18.46 4.63 -3.22
CA ASP A 417 19.73 4.70 -2.52
C ASP A 417 20.82 5.44 -3.28
N TYR A 418 20.73 5.53 -4.60
CA TYR A 418 21.79 6.12 -5.41
C TYR A 418 21.41 7.41 -6.11
N ASN A 419 20.12 7.64 -6.35
CA ASN A 419 19.70 8.76 -7.18
C ASN A 419 18.85 9.78 -6.44
N TYR A 420 17.76 9.34 -5.81
CA TYR A 420 16.82 10.26 -5.18
C TYR A 420 16.27 9.60 -3.93
N LYS A 421 16.48 10.23 -2.77
CA LYS A 421 16.00 9.73 -1.50
C LYS A 421 15.23 10.84 -0.78
N LEU A 422 14.05 10.51 -0.29
CA LEU A 422 13.20 11.38 0.50
C LEU A 422 13.51 11.23 1.99
N PRO A 423 13.33 12.29 2.77
CA PRO A 423 13.49 12.16 4.23
C PRO A 423 12.40 11.31 4.83
N ASP A 424 12.72 10.73 5.99
CA ASP A 424 11.75 9.88 6.69
C ASP A 424 10.57 10.70 7.21
N ASP A 425 10.81 11.95 7.60
CA ASP A 425 9.75 12.88 8.01
C ASP A 425 9.56 13.85 6.84
N PHE A 426 8.69 13.48 5.91
CA PHE A 426 8.48 14.24 4.69
C PHE A 426 7.03 14.69 4.60
N THR A 427 6.82 15.98 4.35
CA THR A 427 5.49 16.54 4.15
C THR A 427 5.43 17.12 2.74
N GLY A 428 4.46 16.66 1.96
CA GLY A 428 4.36 17.00 0.56
C GLY A 428 3.79 15.84 -0.20
N CYS A 429 3.43 16.10 -1.46
CA CYS A 429 2.68 15.09 -2.20
C CYS A 429 3.37 14.70 -3.51
N VAL A 430 3.14 13.44 -3.89
CA VAL A 430 3.87 12.76 -4.96
C VAL A 430 2.87 12.39 -6.05
N ILE A 431 3.16 12.78 -7.28
CA ILE A 431 2.27 12.61 -8.42
C ILE A 431 3.01 11.87 -9.53
N ALA A 432 2.33 10.94 -10.19
CA ALA A 432 2.90 10.22 -11.32
C ALA A 432 1.83 9.98 -12.38
N TRP A 433 2.23 10.01 -13.64
CA TRP A 433 1.34 9.67 -14.75
C TRP A 433 2.17 9.15 -15.92
N ASN A 434 1.49 8.49 -16.84
CA ASN A 434 2.15 7.81 -17.95
C ASN A 434 2.52 8.80 -19.05
N SER A 435 3.63 8.51 -19.73
CA SER A 435 4.10 9.32 -20.85
C SER A 435 4.63 8.41 -21.97
N ASN A 436 3.90 7.34 -22.28
CA ASN A 436 4.34 6.43 -23.34
C ASN A 436 4.23 7.09 -24.71
N LYS A 437 3.16 7.85 -24.93
CA LYS A 437 2.94 8.49 -26.23
C LYS A 437 3.85 9.69 -26.46
N LEU A 438 4.57 10.16 -25.44
CA LEU A 438 5.37 11.38 -25.52
C LEU A 438 6.86 11.12 -25.39
N ASP A 439 7.28 10.35 -24.38
CA ASP A 439 8.68 10.11 -24.11
C ASP A 439 9.19 8.79 -24.70
N SER A 440 8.61 8.35 -25.81
CA SER A 440 9.02 7.10 -26.44
C SER A 440 8.82 7.20 -27.94
N LYS A 441 9.57 6.38 -28.66
CA LYS A 441 9.50 6.34 -30.12
C LYS A 441 9.97 4.99 -30.60
N HIS A 442 9.89 4.78 -31.91
CA HIS A 442 10.36 3.53 -32.51
C HIS A 442 11.87 3.43 -32.41
N SER A 443 12.34 2.18 -32.35
CA SER A 443 13.76 1.79 -32.30
C SER A 443 14.46 2.29 -31.04
N GLY A 444 13.73 2.72 -30.03
CA GLY A 444 14.34 3.08 -28.76
C GLY A 444 14.51 4.58 -28.59
N ASN A 445 14.36 5.04 -27.35
CA ASN A 445 14.63 6.42 -26.97
C ASN A 445 15.76 6.38 -25.95
N TYR A 446 16.94 6.83 -26.36
CA TYR A 446 18.15 6.71 -25.55
C TYR A 446 18.61 8.07 -25.03
N ASP A 447 17.68 8.93 -24.62
CA ASP A 447 18.04 10.23 -24.09
C ASP A 447 17.59 10.47 -22.66
N TYR A 448 17.19 9.43 -21.92
CA TYR A 448 17.05 9.53 -20.47
C TYR A 448 17.94 8.49 -19.81
N TRP A 449 18.51 8.86 -18.67
CA TRP A 449 19.59 8.09 -18.05
C TRP A 449 19.34 7.92 -16.56
N TYR A 450 20.01 6.94 -15.97
CA TYR A 450 20.00 6.76 -14.52
C TYR A 450 21.35 6.22 -14.08
N ARG A 451 21.69 6.48 -12.83
CA ARG A 451 22.98 6.06 -12.27
C ARG A 451 22.83 4.67 -11.65
N SER A 452 23.79 3.80 -11.95
CA SER A 452 23.69 2.40 -11.55
C SER A 452 24.67 1.98 -10.47
N PHE A 453 25.79 2.68 -10.32
CA PHE A 453 26.80 2.29 -9.34
C PHE A 453 27.33 3.50 -8.60
N ARG A 454 27.54 3.36 -7.29
CA ARG A 454 28.22 4.37 -6.51
C ARG A 454 28.82 3.69 -5.28
N LYS A 455 29.75 4.38 -4.63
CA LYS A 455 30.47 3.82 -3.48
C LYS A 455 29.53 3.60 -2.29
N SER A 456 28.77 4.61 -1.91
CA SER A 456 27.99 4.56 -0.68
C SER A 456 26.59 5.10 -0.96
N LYS A 457 25.83 5.32 0.11
CA LYS A 457 24.44 5.76 0.02
C LYS A 457 24.38 7.26 -0.25
N LEU A 458 23.15 7.78 -0.34
CA LEU A 458 22.91 9.19 -0.61
C LEU A 458 22.05 9.78 0.49
N LYS A 459 22.47 10.93 1.02
CA LYS A 459 21.66 11.69 1.95
C LYS A 459 20.45 12.26 1.22
N PRO A 460 19.36 12.54 1.94
CA PRO A 460 18.16 13.09 1.30
C PRO A 460 18.41 14.44 0.62
N PHE A 461 17.75 14.62 -0.52
CA PHE A 461 17.76 15.86 -1.31
C PHE A 461 19.17 16.25 -1.75
N GLU A 462 19.76 15.38 -2.58
CA GLU A 462 21.07 15.65 -3.17
C GLU A 462 21.06 15.23 -4.63
N ARG A 463 21.78 15.99 -5.45
CA ARG A 463 21.94 15.70 -6.86
C ARG A 463 23.41 15.42 -7.14
N ASP A 464 23.70 14.30 -7.80
CA ASP A 464 25.05 13.86 -8.10
C ASP A 464 25.25 13.94 -9.62
N ILE A 465 25.81 15.06 -10.07
CA ILE A 465 25.95 15.32 -11.49
C ILE A 465 27.19 14.61 -12.06
N SER A 466 28.19 14.39 -11.22
CA SER A 466 29.52 14.00 -11.66
C SER A 466 29.53 12.63 -12.34
N THR A 467 30.35 12.51 -13.37
CA THR A 467 30.45 11.31 -14.22
C THR A 467 31.88 10.80 -14.15
N GLU A 468 32.16 9.91 -13.20
CA GLU A 468 33.50 9.35 -13.03
C GLU A 468 33.41 7.84 -12.98
N ILE A 469 34.53 7.18 -13.31
CA ILE A 469 34.56 5.73 -13.35
C ILE A 469 34.45 5.16 -11.93
N TYR A 470 33.98 3.92 -11.84
CA TYR A 470 33.70 3.28 -10.56
C TYR A 470 34.43 1.95 -10.50
N GLN A 471 35.13 1.72 -9.40
CA GLN A 471 35.91 0.50 -9.20
C GLN A 471 35.14 -0.44 -8.30
N ALA A 472 34.85 -1.66 -8.80
CA ALA A 472 34.14 -2.66 -8.03
C ALA A 472 35.02 -3.78 -7.53
N GLY A 473 36.23 -3.93 -8.07
CA GLY A 473 37.16 -4.96 -7.67
C GLY A 473 38.34 -4.43 -6.90
N ASN A 474 39.30 -5.33 -6.66
CA ASN A 474 40.52 -4.95 -5.95
C ASN A 474 41.49 -4.17 -6.84
N LYS A 475 41.54 -4.49 -8.13
CA LYS A 475 42.47 -3.84 -9.04
C LYS A 475 41.97 -2.45 -9.40
N PRO A 476 42.78 -1.41 -9.22
CA PRO A 476 42.37 -0.07 -9.67
C PRO A 476 42.32 0.01 -11.19
N CYS A 477 41.21 0.53 -11.72
CA CYS A 477 41.04 0.70 -13.15
C CYS A 477 41.26 2.17 -13.50
N LYS A 478 42.28 2.44 -14.31
CA LYS A 478 42.56 3.78 -14.80
C LYS A 478 42.23 3.87 -16.27
N GLY A 479 41.62 4.97 -16.67
CA GLY A 479 41.17 5.13 -18.04
C GLY A 479 39.82 4.48 -18.26
N LYS A 480 39.80 3.38 -19.01
CA LYS A 480 38.56 2.67 -19.27
C LYS A 480 38.90 1.22 -19.61
N GLY A 481 38.11 0.29 -19.07
CA GLY A 481 38.34 -1.11 -19.32
C GLY A 481 37.39 -2.00 -18.53
N PRO A 482 37.65 -3.31 -18.53
CA PRO A 482 36.83 -4.23 -17.74
C PRO A 482 37.01 -3.98 -16.25
N ASN A 483 35.98 -4.40 -15.50
CA ASN A 483 35.82 -4.29 -14.04
C ASN A 483 35.70 -2.85 -13.55
N CYS A 484 35.71 -1.86 -14.44
CA CYS A 484 35.39 -0.48 -14.10
C CYS A 484 34.35 0.01 -15.09
N TYR A 485 33.27 0.60 -14.59
CA TYR A 485 32.06 0.80 -15.38
C TYR A 485 31.67 2.26 -15.44
N PHE A 486 31.14 2.66 -16.60
CA PHE A 486 30.56 3.99 -16.75
C PHE A 486 29.28 4.05 -15.93
N PRO A 487 29.13 4.99 -14.99
CA PRO A 487 28.01 4.92 -14.04
C PRO A 487 26.66 5.30 -14.63
N LEU A 488 26.59 5.79 -15.86
CA LEU A 488 25.35 6.24 -16.45
C LEU A 488 24.83 5.20 -17.44
N GLN A 489 23.57 4.85 -17.31
CA GLN A 489 22.92 3.85 -18.14
C GLN A 489 21.60 4.42 -18.65
N SER A 490 21.31 4.20 -19.92
CA SER A 490 20.16 4.80 -20.57
C SER A 490 19.01 3.80 -20.61
N TYR A 491 17.86 4.18 -20.06
CA TYR A 491 16.64 3.43 -20.28
C TYR A 491 16.32 3.38 -21.77
N GLY A 492 16.09 2.19 -22.29
CA GLY A 492 15.54 2.05 -23.62
C GLY A 492 14.03 2.17 -23.55
N PHE A 493 13.49 3.18 -24.22
CA PHE A 493 12.05 3.41 -24.23
C PHE A 493 11.51 3.11 -25.61
N ARG A 494 10.72 2.05 -25.73
CA ARG A 494 9.97 1.72 -26.92
C ARG A 494 8.51 1.54 -26.54
N PRO A 495 7.57 1.90 -27.43
CA PRO A 495 6.14 1.86 -27.05
C PRO A 495 5.58 0.45 -26.91
N THR A 496 6.31 -0.58 -27.33
CA THR A 496 5.86 -1.95 -27.25
C THR A 496 6.27 -2.64 -25.95
N TYR A 497 6.92 -1.92 -25.03
CA TYR A 497 7.23 -2.46 -23.73
C TYR A 497 5.97 -2.60 -22.87
N GLY A 498 6.08 -3.43 -21.83
CA GLY A 498 5.02 -3.56 -20.87
C GLY A 498 4.94 -2.37 -19.94
N VAL A 499 3.92 -2.39 -19.08
CA VAL A 499 3.59 -1.24 -18.24
C VAL A 499 4.72 -0.92 -17.26
N GLY A 500 5.39 -1.94 -16.74
CA GLY A 500 6.47 -1.72 -15.80
C GLY A 500 7.76 -1.20 -16.38
N HIS A 501 7.86 -1.13 -17.72
CA HIS A 501 9.07 -0.65 -18.37
C HIS A 501 8.84 0.57 -19.24
N GLN A 502 7.66 1.18 -19.16
CA GLN A 502 7.23 2.39 -19.85
C GLN A 502 7.51 3.62 -19.00
N PRO A 503 7.72 4.78 -19.62
CA PRO A 503 8.04 5.99 -18.85
C PRO A 503 6.86 6.49 -18.03
N TYR A 504 7.13 6.84 -16.77
CA TYR A 504 6.15 7.43 -15.87
C TYR A 504 6.75 8.71 -15.30
N ARG A 505 6.18 9.86 -15.70
CA ARG A 505 6.68 11.15 -15.24
C ARG A 505 6.29 11.35 -13.79
N VAL A 506 7.27 11.64 -12.93
CA VAL A 506 7.06 11.74 -11.50
C VAL A 506 7.35 13.18 -11.07
N VAL A 507 6.39 13.80 -10.39
CA VAL A 507 6.52 15.14 -9.84
C VAL A 507 6.21 15.08 -8.35
N VAL A 508 7.10 15.64 -7.53
CA VAL A 508 7.01 15.58 -6.07
C VAL A 508 7.02 16.99 -5.53
N LEU A 509 6.06 17.29 -4.66
CA LEU A 509 6.02 18.56 -3.94
C LEU A 509 6.51 18.34 -2.51
N SER A 510 7.11 19.39 -1.93
CA SER A 510 7.80 19.29 -0.64
C SER A 510 7.43 20.48 0.25
N PHE A 511 6.11 20.67 0.45
CA PHE A 511 5.53 21.68 1.33
C PHE A 511 6.24 21.79 2.67
N GLU A 512 6.64 23.01 3.04
CA GLU A 512 7.42 23.27 4.24
C GLU A 512 6.87 24.50 4.97
N LEU A 513 7.30 24.66 6.22
CA LEU A 513 6.99 25.84 7.02
C LEU A 513 8.17 26.08 7.96
N LEU A 514 8.65 27.31 8.01
CA LEU A 514 9.94 27.61 8.63
C LEU A 514 9.90 29.00 9.25
N HIS A 515 11.10 29.56 9.49
CA HIS A 515 11.26 30.84 10.17
C HIS A 515 10.60 31.99 9.40
N ALA A 516 10.73 31.96 8.08
CA ALA A 516 10.04 32.95 7.26
C ALA A 516 8.53 32.80 7.40
N PRO A 517 7.77 33.89 7.43
CA PRO A 517 6.34 33.78 7.67
C PRO A 517 5.61 33.10 6.52
N ALA A 518 4.49 32.45 6.85
CA ALA A 518 3.67 31.75 5.86
C ALA A 518 3.10 32.72 4.85
N THR A 519 3.58 32.66 3.61
CA THR A 519 3.23 33.61 2.58
C THR A 519 2.29 33.03 1.53
N VAL A 520 2.65 31.88 0.95
CA VAL A 520 1.84 31.29 -0.10
C VAL A 520 0.59 30.64 0.49
N CYS A 521 -0.57 30.99 -0.04
CA CYS A 521 -1.85 30.50 0.47
C CYS A 521 -2.79 30.26 -0.70
N GLY A 522 -4.06 30.03 -0.40
CA GLY A 522 -5.05 29.73 -1.41
C GLY A 522 -6.16 30.77 -1.49
N PRO A 523 -6.84 30.83 -2.62
CA PRO A 523 -7.89 31.83 -2.80
C PRO A 523 -9.16 31.48 -2.02
N LYS A 524 -9.94 32.52 -1.72
CA LYS A 524 -11.18 32.40 -0.99
C LYS A 524 -12.24 33.26 -1.70
N LYS A 525 -13.46 33.26 -1.17
CA LYS A 525 -14.54 34.05 -1.74
C LYS A 525 -14.30 35.55 -1.54
N ILE B 323 -34.25 13.75 63.40
CA ILE B 323 -34.88 12.47 63.08
C ILE B 323 -34.95 12.28 61.56
N VAL B 324 -34.89 11.02 61.13
CA VAL B 324 -34.93 10.66 59.72
C VAL B 324 -36.07 9.67 59.51
N ARG B 325 -36.99 9.99 58.59
CA ARG B 325 -38.11 9.12 58.27
C ARG B 325 -38.11 8.84 56.76
N PHE B 326 -37.99 7.56 56.41
CA PHE B 326 -37.97 7.01 55.07
C PHE B 326 -39.07 5.96 54.98
N PRO B 327 -39.70 5.76 53.82
CA PRO B 327 -40.92 4.97 53.75
C PRO B 327 -40.65 3.47 53.75
N ASN B 328 -41.73 2.70 53.69
CA ASN B 328 -41.64 1.25 53.67
C ASN B 328 -41.08 0.77 52.33
N VAL B 329 -40.21 -0.25 52.39
CA VAL B 329 -39.51 -0.77 51.22
C VAL B 329 -39.49 -2.28 51.28
N THR B 330 -39.32 -2.90 50.11
CA THR B 330 -39.37 -4.36 49.99
C THR B 330 -38.04 -4.98 49.54
N ASN B 331 -37.51 -4.58 48.39
CA ASN B 331 -36.44 -5.31 47.74
C ASN B 331 -35.19 -4.44 47.58
N LEU B 332 -34.15 -5.04 47.00
CA LEU B 332 -32.78 -4.53 47.06
C LEU B 332 -32.26 -4.05 45.70
N CYS B 333 -33.17 -3.82 44.74
CA CYS B 333 -32.95 -3.33 43.36
C CYS B 333 -32.19 -4.33 42.50
N PRO B 334 -32.56 -4.48 41.21
CA PRO B 334 -31.98 -5.51 40.34
C PRO B 334 -30.63 -5.14 39.74
N PHE B 335 -29.71 -4.65 40.58
CA PHE B 335 -28.40 -4.24 40.10
C PHE B 335 -27.48 -5.43 39.85
N HIS B 336 -27.59 -6.48 40.66
CA HIS B 336 -26.86 -7.71 40.37
C HIS B 336 -27.35 -8.32 39.05
N GLU B 337 -28.67 -8.29 38.82
CA GLU B 337 -29.27 -8.91 37.63
C GLU B 337 -28.86 -8.22 36.33
N VAL B 338 -28.43 -6.95 36.39
CA VAL B 338 -27.95 -6.27 35.20
C VAL B 338 -26.46 -6.49 35.00
N PHE B 339 -25.69 -6.35 36.06
CA PHE B 339 -24.22 -6.32 35.91
C PHE B 339 -23.67 -7.68 35.61
N ASN B 340 -24.40 -8.74 35.93
CA ASN B 340 -23.90 -10.11 35.71
C ASN B 340 -24.94 -10.89 34.91
N ALA B 341 -25.07 -10.60 33.61
CA ALA B 341 -26.01 -11.35 32.72
C ALA B 341 -25.23 -12.20 31.69
N THR B 342 -25.91 -13.09 30.97
CA THR B 342 -25.25 -14.01 30.06
C THR B 342 -24.64 -13.27 28.87
N ARG B 343 -25.37 -12.29 28.33
CA ARG B 343 -24.87 -11.51 27.21
C ARG B 343 -25.57 -10.14 27.20
N PHE B 344 -24.78 -9.10 26.98
CA PHE B 344 -25.31 -7.74 26.92
C PHE B 344 -25.75 -7.42 25.49
N ALA B 345 -26.29 -6.23 25.32
CA ALA B 345 -26.81 -5.79 24.02
C ALA B 345 -25.74 -5.08 23.23
N SER B 346 -25.97 -4.98 21.92
CA SER B 346 -25.06 -4.26 21.05
C SER B 346 -25.17 -2.76 21.29
N VAL B 347 -24.20 -2.02 20.75
CA VAL B 347 -24.09 -0.60 21.05
C VAL B 347 -25.19 0.20 20.35
N TYR B 348 -25.58 -0.20 19.13
CA TYR B 348 -26.58 0.59 18.40
C TYR B 348 -27.97 0.41 19.00
N ALA B 349 -28.18 -0.64 19.78
CA ALA B 349 -29.47 -1.00 20.35
C ALA B 349 -29.31 -1.32 21.84
N TRP B 350 -28.66 -0.41 22.56
CA TRP B 350 -28.27 -0.64 23.94
C TRP B 350 -29.51 -0.85 24.83
N ASN B 351 -29.44 -1.87 25.67
CA ASN B 351 -30.55 -2.16 26.57
C ASN B 351 -30.57 -1.13 27.70
N ARG B 352 -31.77 -0.61 27.99
CA ARG B 352 -31.97 0.37 29.04
C ARG B 352 -33.01 -0.17 30.01
N THR B 353 -32.71 -0.08 31.30
CA THR B 353 -33.62 -0.57 32.32
C THR B 353 -33.91 0.52 33.34
N ARG B 354 -35.07 0.40 33.98
CA ARG B 354 -35.51 1.35 35.01
C ARG B 354 -35.47 0.67 36.37
N ILE B 355 -34.98 1.40 37.36
CA ILE B 355 -34.88 0.91 38.73
C ILE B 355 -35.68 1.85 39.62
N SER B 356 -36.71 1.31 40.26
CA SER B 356 -37.61 2.11 41.06
C SER B 356 -38.25 1.23 42.12
N ASN B 357 -38.67 1.88 43.21
CA ASN B 357 -39.38 1.24 44.33
C ASN B 357 -38.56 0.11 44.95
N CYS B 358 -37.30 0.42 45.27
CA CYS B 358 -36.45 -0.49 46.03
C CYS B 358 -35.39 0.33 46.75
N VAL B 359 -34.48 -0.36 47.43
CA VAL B 359 -33.35 0.28 48.10
C VAL B 359 -32.09 -0.02 47.30
N ALA B 360 -31.34 1.03 46.96
CA ALA B 360 -30.22 0.92 46.05
C ALA B 360 -28.92 1.00 46.86
N ASP B 361 -28.41 -0.16 47.23
CA ASP B 361 -27.13 -0.27 47.91
C ASP B 361 -25.99 -0.40 46.89
N TYR B 362 -25.13 0.61 46.84
CA TYR B 362 -23.99 0.58 45.92
C TYR B 362 -22.78 -0.09 46.56
N SER B 363 -22.98 -1.27 47.16
CA SER B 363 -21.87 -2.09 47.62
C SER B 363 -21.73 -3.37 46.83
N VAL B 364 -22.81 -3.85 46.21
CA VAL B 364 -22.73 -5.05 45.39
C VAL B 364 -21.98 -4.80 44.09
N LEU B 365 -21.83 -3.54 43.69
CA LEU B 365 -21.04 -3.23 42.50
C LEU B 365 -19.55 -3.33 42.79
N TYR B 366 -19.13 -3.08 44.04
CA TYR B 366 -17.71 -3.08 44.38
C TYR B 366 -17.13 -4.48 44.43
N ASN B 367 -17.88 -5.47 44.89
CA ASN B 367 -17.38 -6.84 44.91
C ASN B 367 -17.76 -7.59 43.63
N PHE B 368 -17.46 -6.96 42.50
CA PHE B 368 -17.76 -7.52 41.19
C PHE B 368 -16.53 -7.80 40.36
N ALA B 369 -15.67 -6.80 40.16
CA ALA B 369 -14.55 -6.93 39.22
C ALA B 369 -13.49 -5.91 39.58
N PRO B 370 -12.23 -6.15 39.21
CA PRO B 370 -11.24 -5.06 39.24
C PRO B 370 -11.44 -4.12 38.06
N PHE B 371 -12.31 -3.13 38.26
CA PHE B 371 -12.84 -2.31 37.17
C PHE B 371 -11.75 -1.54 36.45
N PHE B 372 -12.01 -1.26 35.17
CA PHE B 372 -11.08 -0.52 34.33
C PHE B 372 -11.33 0.97 34.34
N ALA B 373 -12.58 1.38 34.52
CA ALA B 373 -12.93 2.81 34.56
C ALA B 373 -14.18 2.98 35.40
N PHE B 374 -14.04 3.69 36.53
CA PHE B 374 -15.15 3.97 37.43
C PHE B 374 -15.11 5.47 37.68
N LYS B 375 -15.76 6.23 36.80
CA LYS B 375 -15.77 7.69 36.87
C LYS B 375 -17.20 8.17 37.13
N CYS B 376 -17.35 9.03 38.13
CA CYS B 376 -18.65 9.56 38.52
C CYS B 376 -18.65 11.07 38.38
N TYR B 377 -19.72 11.60 37.79
CA TYR B 377 -19.87 13.02 37.54
C TYR B 377 -21.00 13.58 38.41
N GLY B 378 -20.69 14.61 39.19
CA GLY B 378 -21.67 15.27 40.02
C GLY B 378 -21.84 14.67 41.41
N VAL B 379 -21.20 13.54 41.69
CA VAL B 379 -21.35 12.87 42.98
C VAL B 379 -20.12 12.03 43.23
N SER B 380 -19.69 11.99 44.50
CA SER B 380 -18.52 11.20 44.89
C SER B 380 -18.88 9.73 44.99
N PRO B 381 -17.94 8.83 44.64
CA PRO B 381 -18.23 7.39 44.74
C PRO B 381 -18.48 6.90 46.16
N THR B 382 -17.89 7.53 47.17
CA THR B 382 -18.10 7.11 48.55
C THR B 382 -19.32 7.76 49.19
N LYS B 383 -19.87 8.80 48.59
CA LYS B 383 -21.05 9.49 49.12
C LYS B 383 -22.34 8.89 48.60
N LEU B 384 -22.27 7.79 47.87
CA LEU B 384 -23.42 7.27 47.14
C LEU B 384 -24.45 6.60 48.04
N ASN B 385 -24.09 6.21 49.25
CA ASN B 385 -25.05 5.50 50.10
C ASN B 385 -25.88 6.44 50.94
N ASP B 386 -25.32 7.57 51.39
CA ASP B 386 -25.98 8.43 52.36
C ASP B 386 -26.71 9.62 51.74
N LEU B 387 -26.81 9.69 50.41
CA LEU B 387 -27.66 10.64 49.73
C LEU B 387 -28.63 9.89 48.83
N CYS B 388 -29.71 10.55 48.43
CA CYS B 388 -30.65 9.85 47.58
C CYS B 388 -31.29 10.82 46.60
N PHE B 389 -32.14 10.26 45.75
CA PHE B 389 -32.43 10.80 44.41
C PHE B 389 -33.65 10.07 43.86
N THR B 390 -33.92 10.30 42.56
CA THR B 390 -35.07 9.72 41.88
C THR B 390 -34.63 9.22 40.51
N ASN B 391 -35.60 8.62 39.79
CA ASN B 391 -35.61 8.22 38.39
C ASN B 391 -34.27 7.76 37.80
N VAL B 392 -33.66 6.77 38.43
CA VAL B 392 -32.36 6.29 37.98
C VAL B 392 -32.52 5.42 36.74
N TYR B 393 -31.62 5.59 35.78
CA TYR B 393 -31.61 4.86 34.52
C TYR B 393 -30.30 4.09 34.44
N ALA B 394 -30.37 2.80 34.13
CA ALA B 394 -29.20 1.99 33.89
C ALA B 394 -29.25 1.42 32.48
N ASP B 395 -28.15 1.58 31.75
CA ASP B 395 -28.05 1.04 30.40
C ASP B 395 -26.68 0.40 30.17
N SER B 396 -26.66 -0.62 29.33
CA SER B 396 -25.48 -1.47 29.18
C SER B 396 -25.21 -1.75 27.71
N PHE B 397 -23.92 -1.89 27.39
CA PHE B 397 -23.44 -2.19 26.04
C PHE B 397 -22.00 -2.67 26.13
N VAL B 398 -21.49 -3.17 25.00
CA VAL B 398 -20.15 -3.76 24.92
C VAL B 398 -19.38 -3.09 23.80
N ILE B 399 -18.24 -2.47 24.13
CA ILE B 399 -17.50 -1.63 23.19
C ILE B 399 -16.06 -2.13 23.07
N LYS B 400 -15.36 -1.55 22.10
CA LYS B 400 -13.95 -1.82 21.85
C LYS B 400 -13.10 -1.16 22.93
N GLY B 401 -11.87 -1.66 23.09
CA GLY B 401 -11.01 -1.20 24.17
C GLY B 401 -10.58 0.26 24.07
N ASN B 402 -10.22 0.70 22.87
CA ASN B 402 -9.75 2.08 22.70
C ASN B 402 -10.89 3.09 22.61
N GLU B 403 -12.14 2.65 22.77
CA GLU B 403 -13.31 3.52 22.70
C GLU B 403 -13.94 3.79 24.05
N VAL B 404 -13.31 3.33 25.15
CA VAL B 404 -13.88 3.52 26.47
C VAL B 404 -13.83 4.99 26.88
N SER B 405 -12.77 5.70 26.50
CA SER B 405 -12.64 7.11 26.86
C SER B 405 -13.65 8.01 26.15
N GLN B 406 -14.35 7.51 25.14
CA GLN B 406 -15.39 8.28 24.48
C GLN B 406 -16.70 8.31 25.25
N ILE B 407 -16.88 7.44 26.25
CA ILE B 407 -18.10 7.44 27.06
C ILE B 407 -17.84 8.44 28.18
N ALA B 408 -18.07 9.72 27.87
CA ALA B 408 -17.83 10.86 28.74
C ALA B 408 -18.49 12.08 28.14
N PRO B 409 -18.89 13.07 28.95
CA PRO B 409 -19.49 14.30 28.41
C PRO B 409 -18.47 15.13 27.64
N GLY B 410 -18.77 15.42 26.38
CA GLY B 410 -17.98 16.35 25.61
C GLY B 410 -16.92 15.74 24.71
N GLN B 411 -16.95 14.43 24.48
CA GLN B 411 -15.99 13.80 23.58
C GLN B 411 -16.63 13.53 22.22
N THR B 412 -15.79 13.18 21.26
CA THR B 412 -16.21 12.89 19.90
C THR B 412 -15.55 11.61 19.42
N GLY B 413 -16.09 11.04 18.36
CA GLY B 413 -15.60 9.80 17.81
C GLY B 413 -16.72 9.08 17.08
N ASN B 414 -16.46 7.82 16.76
CA ASN B 414 -17.46 7.01 16.07
C ASN B 414 -18.59 6.62 17.02
N ILE B 415 -18.26 6.20 18.24
CA ILE B 415 -19.27 5.81 19.21
C ILE B 415 -20.02 7.04 19.73
N ALA B 416 -19.27 8.09 20.09
CA ALA B 416 -19.84 9.24 20.77
C ALA B 416 -20.67 10.14 19.85
N ASP B 417 -20.63 9.94 18.54
CA ASP B 417 -21.39 10.77 17.62
C ASP B 417 -22.50 10.02 16.89
N TYR B 418 -22.39 8.70 16.77
CA TYR B 418 -23.34 7.92 15.99
C TYR B 418 -24.04 6.84 16.80
N ASN B 419 -23.52 6.49 17.98
CA ASN B 419 -24.02 5.34 18.72
C ASN B 419 -24.56 5.70 20.09
N TYR B 420 -23.80 6.47 20.87
CA TYR B 420 -24.18 6.79 22.24
C TYR B 420 -23.61 8.14 22.63
N LYS B 421 -24.48 9.09 22.94
CA LYS B 421 -24.10 10.42 23.36
C LYS B 421 -24.58 10.69 24.78
N LEU B 422 -23.69 11.20 25.62
CA LEU B 422 -24.03 11.71 26.94
C LEU B 422 -24.11 13.22 26.92
N PRO B 423 -25.04 13.83 27.67
CA PRO B 423 -25.12 15.29 27.69
C PRO B 423 -23.94 15.91 28.40
N ASP B 424 -23.72 17.20 28.13
CA ASP B 424 -22.62 17.93 28.75
C ASP B 424 -22.81 18.01 30.26
N ASP B 425 -24.03 18.27 30.71
CA ASP B 425 -24.36 18.32 32.13
C ASP B 425 -24.91 16.95 32.52
N PHE B 426 -24.00 16.02 32.83
CA PHE B 426 -24.35 14.64 33.14
C PHE B 426 -24.13 14.39 34.62
N THR B 427 -25.12 13.82 35.28
CA THR B 427 -25.05 13.45 36.70
C THR B 427 -25.20 11.94 36.80
N GLY B 428 -24.08 11.24 36.95
CA GLY B 428 -24.12 9.79 37.04
C GLY B 428 -22.73 9.21 37.09
N CYS B 429 -22.65 7.91 36.79
CA CYS B 429 -21.41 7.15 36.87
C CYS B 429 -21.25 6.26 35.65
N VAL B 430 -20.00 5.93 35.32
CA VAL B 430 -19.68 5.06 34.20
C VAL B 430 -18.75 3.96 34.72
N ILE B 431 -19.15 2.70 34.54
CA ILE B 431 -18.40 1.55 35.01
C ILE B 431 -18.07 0.67 33.81
N ALA B 432 -16.80 0.27 33.70
CA ALA B 432 -16.34 -0.57 32.60
C ALA B 432 -15.36 -1.62 33.13
N TRP B 433 -15.45 -2.83 32.58
CA TRP B 433 -14.54 -3.91 32.97
C TRP B 433 -14.28 -4.81 31.78
N ASN B 434 -13.23 -5.62 31.89
CA ASN B 434 -12.81 -6.48 30.80
C ASN B 434 -13.63 -7.75 30.75
N SER B 435 -14.01 -8.16 29.54
CA SER B 435 -14.88 -9.30 29.33
C SER B 435 -14.37 -10.16 28.19
N ASN B 436 -13.06 -10.43 28.17
CA ASN B 436 -12.49 -11.22 27.09
C ASN B 436 -12.81 -12.69 27.24
N LYS B 437 -12.82 -13.20 28.47
CA LYS B 437 -13.03 -14.63 28.71
C LYS B 437 -14.45 -15.08 28.40
N LEU B 438 -15.39 -14.17 28.19
CA LEU B 438 -16.75 -14.53 27.87
C LEU B 438 -17.22 -13.99 26.53
N ASP B 439 -16.97 -12.72 26.23
CA ASP B 439 -17.41 -12.12 24.97
C ASP B 439 -16.34 -12.19 23.89
N SER B 440 -15.82 -13.39 23.64
CA SER B 440 -14.83 -13.61 22.58
C SER B 440 -14.76 -15.10 22.28
N LYS B 441 -14.70 -15.43 21.00
CA LYS B 441 -14.52 -16.80 20.55
C LYS B 441 -13.42 -16.86 19.51
N HIS B 442 -12.82 -18.04 19.37
CA HIS B 442 -11.76 -18.26 18.40
C HIS B 442 -12.31 -18.15 16.99
N SER B 443 -11.52 -17.56 16.10
CA SER B 443 -11.87 -17.30 14.70
C SER B 443 -13.12 -16.43 14.57
N GLY B 444 -13.26 -15.45 15.46
CA GLY B 444 -14.30 -14.45 15.32
C GLY B 444 -15.50 -14.66 16.22
N ASN B 445 -16.02 -13.57 16.78
CA ASN B 445 -17.24 -13.56 17.57
C ASN B 445 -18.09 -12.44 16.96
N TYR B 446 -18.84 -12.77 15.92
CA TYR B 446 -19.57 -11.77 15.14
C TYR B 446 -21.02 -11.65 15.62
N ASP B 447 -21.16 -11.33 16.91
CA ASP B 447 -22.46 -11.07 17.49
C ASP B 447 -22.61 -9.68 18.07
N TYR B 448 -21.55 -8.87 18.04
CA TYR B 448 -21.56 -7.53 18.63
C TYR B 448 -21.32 -6.53 17.50
N TRP B 449 -22.36 -5.77 17.18
CA TRP B 449 -22.43 -4.89 16.02
C TRP B 449 -22.34 -3.43 16.49
N TYR B 450 -21.92 -2.55 15.59
CA TYR B 450 -22.02 -1.12 15.84
C TYR B 450 -22.31 -0.40 14.54
N ARG B 451 -22.96 0.76 14.65
CA ARG B 451 -23.28 1.60 13.51
C ARG B 451 -22.13 2.58 13.24
N SER B 452 -21.77 2.71 11.96
CA SER B 452 -20.60 3.56 11.61
C SER B 452 -21.02 4.71 10.68
N PHE B 453 -22.10 4.51 9.91
CA PHE B 453 -22.53 5.55 8.93
C PHE B 453 -23.90 6.08 9.32
N ARG B 454 -24.02 7.40 9.52
CA ARG B 454 -25.35 8.01 9.82
C ARG B 454 -25.42 9.37 9.14
N LYS B 455 -26.62 9.81 8.76
CA LYS B 455 -26.76 11.10 8.02
C LYS B 455 -26.23 12.25 8.89
N SER B 456 -26.51 12.24 10.19
CA SER B 456 -26.10 13.36 11.07
C SER B 456 -25.69 12.83 12.45
N LYS B 457 -25.28 13.72 13.36
CA LYS B 457 -24.85 13.31 14.72
C LYS B 457 -26.07 12.86 15.52
N LEU B 458 -25.85 12.29 16.72
CA LEU B 458 -26.97 11.76 17.53
C LEU B 458 -27.23 12.71 18.71
N LYS B 459 -28.50 13.07 18.93
CA LYS B 459 -28.86 13.94 20.10
C LYS B 459 -28.66 13.12 21.39
N PRO B 460 -28.28 13.74 22.52
CA PRO B 460 -28.01 12.96 23.73
C PRO B 460 -29.09 11.96 24.05
N PHE B 461 -28.71 10.74 24.44
CA PHE B 461 -29.69 9.70 24.85
C PHE B 461 -30.72 9.46 23.74
N GLU B 462 -30.27 8.92 22.60
CA GLU B 462 -31.21 8.57 21.51
C GLU B 462 -30.76 7.25 20.86
N ARG B 463 -31.67 6.30 20.66
CA ARG B 463 -31.28 4.97 20.12
C ARG B 463 -31.73 4.87 18.64
N ASP B 464 -30.82 4.49 17.75
CA ASP B 464 -31.15 4.34 16.31
C ASP B 464 -30.99 2.87 15.90
N ILE B 465 -32.10 2.13 15.83
CA ILE B 465 -32.04 0.68 15.45
C ILE B 465 -32.43 0.56 13.98
N SER B 466 -32.37 1.67 13.23
CA SER B 466 -32.80 1.65 11.81
C SER B 466 -31.70 1.05 10.92
N THR B 467 -32.03 -0.03 10.21
CA THR B 467 -31.06 -0.63 9.26
C THR B 467 -31.52 -0.32 7.86
N GLU B 468 -30.90 0.65 7.20
CA GLU B 468 -31.27 1.00 5.81
C GLU B 468 -29.97 1.34 5.04
N ILE B 469 -29.92 1.01 3.75
CA ILE B 469 -28.67 1.22 2.98
C ILE B 469 -28.29 2.71 3.09
N TYR B 470 -27.02 2.99 3.39
CA TYR B 470 -26.55 4.39 3.49
C TYR B 470 -25.90 4.76 2.18
N GLN B 471 -26.32 5.88 1.59
CA GLN B 471 -25.78 6.30 0.28
C GLN B 471 -24.67 7.35 0.49
N ALA B 472 -23.43 7.03 0.11
CA ALA B 472 -22.31 7.96 0.30
C ALA B 472 -21.90 8.55 -1.05
N GLY B 473 -22.72 8.33 -2.08
CA GLY B 473 -22.40 8.81 -3.44
C GLY B 473 -23.56 9.58 -4.03
N ASN B 474 -23.31 10.31 -5.13
CA ASN B 474 -24.38 11.13 -5.76
C ASN B 474 -25.51 10.22 -6.23
N LYS B 475 -25.16 9.10 -6.87
CA LYS B 475 -26.20 8.20 -7.42
C LYS B 475 -27.09 7.68 -6.29
N PRO B 476 -28.44 7.75 -6.43
CA PRO B 476 -29.33 7.21 -5.40
C PRO B 476 -29.08 5.73 -5.26
N CYS B 477 -29.09 5.23 -4.03
CA CYS B 477 -28.78 3.79 -3.78
C CYS B 477 -30.05 2.94 -3.85
N LYS B 478 -30.02 1.85 -4.62
CA LYS B 478 -31.18 0.92 -4.69
C LYS B 478 -30.81 -0.36 -3.95
N GLY B 479 -29.54 -0.77 -4.04
CA GLY B 479 -29.07 -1.99 -3.35
C GLY B 479 -27.57 -1.90 -3.12
N LYS B 480 -27.00 -2.86 -2.40
CA LYS B 480 -25.55 -2.80 -2.08
C LYS B 480 -24.78 -2.48 -3.36
N GLY B 481 -23.99 -1.40 -3.36
CA GLY B 481 -23.23 -0.99 -4.55
C GLY B 481 -21.92 -0.34 -4.15
N PRO B 482 -21.03 0.02 -5.10
CA PRO B 482 -19.73 0.57 -4.73
C PRO B 482 -19.83 1.77 -3.80
N ASN B 483 -21.00 2.42 -3.77
CA ASN B 483 -21.21 3.57 -2.86
C ASN B 483 -22.21 3.18 -1.77
N CYS B 484 -23.04 2.17 -2.03
CA CYS B 484 -24.08 1.75 -1.06
C CYS B 484 -23.44 0.88 0.04
N TYR B 485 -23.47 1.34 1.29
CA TYR B 485 -22.81 0.59 2.39
C TYR B 485 -23.80 0.30 3.50
N PHE B 486 -23.86 -0.96 3.97
CA PHE B 486 -24.73 -1.29 5.13
C PHE B 486 -24.16 -0.57 6.33
N PRO B 487 -24.95 0.17 7.12
CA PRO B 487 -24.40 0.95 8.23
C PRO B 487 -23.84 0.19 9.42
N LEU B 488 -24.23 -1.07 9.63
CA LEU B 488 -23.78 -1.81 10.84
C LEU B 488 -22.55 -2.68 10.54
N GLN B 489 -21.45 -2.47 11.27
CA GLN B 489 -20.23 -3.32 11.12
C GLN B 489 -20.06 -4.10 12.43
N SER B 490 -19.35 -5.22 12.43
CA SER B 490 -19.29 -6.05 13.66
C SER B 490 -17.86 -6.12 14.23
N TYR B 491 -17.66 -5.59 15.44
CA TYR B 491 -16.32 -5.78 16.07
C TYR B 491 -16.04 -7.27 16.00
N GLY B 492 -14.84 -7.63 15.55
CA GLY B 492 -14.47 -9.06 15.48
C GLY B 492 -13.69 -9.47 16.70
N PHE B 493 -14.34 -9.69 17.82
CA PHE B 493 -13.56 -9.98 19.05
C PHE B 493 -12.85 -11.31 18.85
N ARG B 494 -11.55 -11.39 19.12
CA ARG B 494 -10.75 -12.63 19.00
C ARG B 494 -9.84 -12.69 20.21
N PRO B 495 -9.52 -13.85 20.80
CA PRO B 495 -8.80 -13.86 22.07
C PRO B 495 -7.36 -13.42 22.07
N THR B 496 -6.68 -13.37 20.92
CA THR B 496 -5.23 -13.07 20.91
C THR B 496 -4.97 -11.58 20.73
N TYR B 497 -6.01 -10.76 20.65
CA TYR B 497 -5.83 -9.33 20.41
C TYR B 497 -5.15 -8.66 21.61
N GLY B 498 -4.60 -7.48 21.35
CA GLY B 498 -4.11 -6.64 22.41
C GLY B 498 -5.24 -5.96 23.14
N VAL B 499 -4.88 -5.35 24.28
CA VAL B 499 -5.84 -4.81 25.24
C VAL B 499 -6.72 -3.73 24.61
N GLY B 500 -6.16 -2.94 23.69
CA GLY B 500 -6.91 -1.85 23.09
C GLY B 500 -8.01 -2.26 22.13
N HIS B 501 -8.05 -3.52 21.71
CA HIS B 501 -9.13 -4.03 20.88
C HIS B 501 -9.96 -5.09 21.59
N GLN B 502 -9.70 -5.34 22.86
CA GLN B 502 -10.40 -6.34 23.64
C GLN B 502 -11.79 -5.84 24.03
N PRO B 503 -12.74 -6.76 24.26
CA PRO B 503 -14.08 -6.33 24.67
C PRO B 503 -14.13 -5.75 26.08
N TYR B 504 -15.07 -4.83 26.27
CA TYR B 504 -15.35 -4.20 27.56
C TYR B 504 -16.84 -3.94 27.71
N ARG B 505 -17.38 -4.34 28.86
CA ARG B 505 -18.79 -4.16 29.19
C ARG B 505 -18.94 -2.86 29.96
N VAL B 506 -19.83 -1.98 29.49
CA VAL B 506 -20.00 -0.65 30.07
C VAL B 506 -21.42 -0.51 30.57
N VAL B 507 -21.57 -0.17 31.84
CA VAL B 507 -22.85 0.15 32.45
C VAL B 507 -22.82 1.61 32.89
N VAL B 508 -23.73 2.41 32.35
CA VAL B 508 -23.81 3.84 32.64
C VAL B 508 -25.07 4.08 33.45
N LEU B 509 -24.91 4.65 34.64
CA LEU B 509 -26.03 4.98 35.51
C LEU B 509 -26.29 6.48 35.41
N SER B 510 -27.56 6.86 35.26
CA SER B 510 -27.95 8.26 35.17
C SER B 510 -29.11 8.51 36.11
N PHE B 511 -29.03 9.62 36.85
CA PHE B 511 -30.03 9.93 37.85
C PHE B 511 -30.04 11.43 38.14
N GLU B 512 -31.16 11.90 38.67
CA GLU B 512 -31.39 13.31 38.95
C GLU B 512 -31.34 13.55 40.46
N LEU B 513 -30.61 14.59 40.87
CA LEU B 513 -30.37 14.85 42.28
C LEU B 513 -31.22 16.02 42.75
N LEU B 514 -32.14 15.75 43.69
CA LEU B 514 -32.85 16.76 44.48
C LEU B 514 -33.67 17.73 43.63
N HIS B 515 -34.13 17.28 42.47
CA HIS B 515 -35.00 18.10 41.62
C HIS B 515 -36.39 17.50 41.46
N ALA B 516 -36.70 16.45 42.22
CA ALA B 516 -37.99 15.78 42.15
C ALA B 516 -38.19 15.01 43.45
N PRO B 517 -39.44 14.65 43.78
CA PRO B 517 -39.66 13.74 44.91
C PRO B 517 -38.97 12.40 44.71
N ALA B 518 -38.35 11.91 45.78
CA ALA B 518 -37.53 10.71 45.70
C ALA B 518 -38.39 9.46 45.67
N THR B 519 -37.90 8.43 44.99
CA THR B 519 -38.53 7.13 44.93
C THR B 519 -37.65 6.01 45.48
N VAL B 520 -36.34 6.10 45.29
CA VAL B 520 -35.39 5.10 45.79
C VAL B 520 -34.35 5.81 46.65
N CYS B 521 -34.08 5.27 47.84
CA CYS B 521 -32.98 5.92 48.55
C CYS B 521 -31.91 4.97 49.08
N GLY B 522 -32.27 3.80 49.58
CA GLY B 522 -31.26 2.87 50.02
C GLY B 522 -31.35 2.48 51.48
N PRO B 523 -30.23 2.64 52.21
CA PRO B 523 -30.15 2.12 53.58
C PRO B 523 -31.04 2.88 54.57
N LYS B 524 -32.09 2.22 55.02
CA LYS B 524 -33.10 2.84 55.87
C LYS B 524 -32.66 2.87 57.32
N LYS B 525 -33.28 3.77 58.08
CA LYS B 525 -33.15 3.83 59.54
C LYS B 525 -34.30 4.62 60.14
N GLN C 1 34.23 3.91 -27.12
CA GLN C 1 34.15 4.03 -25.67
C GLN C 1 33.82 2.69 -25.04
N VAL C 2 32.76 2.05 -25.55
CA VAL C 2 32.33 0.73 -25.10
C VAL C 2 32.51 -0.24 -26.26
N GLN C 3 33.22 -1.34 -26.01
CA GLN C 3 33.52 -2.31 -27.04
C GLN C 3 33.15 -3.71 -26.58
N LEU C 4 32.61 -4.51 -27.49
CA LEU C 4 32.30 -5.91 -27.27
C LEU C 4 33.20 -6.73 -28.18
N GLN C 5 34.03 -7.60 -27.59
CA GLN C 5 35.03 -8.35 -28.33
C GLN C 5 34.77 -9.84 -28.19
N GLU C 6 34.62 -10.51 -29.33
CA GLU C 6 34.28 -11.92 -29.39
C GLU C 6 35.53 -12.78 -29.47
N SER C 7 35.36 -14.06 -29.12
CA SER C 7 36.44 -15.03 -29.21
C SER C 7 35.87 -16.39 -29.54
N GLY C 8 36.71 -17.25 -30.10
CA GLY C 8 36.28 -18.59 -30.47
C GLY C 8 36.59 -18.94 -31.92
N GLY C 9 35.62 -19.57 -32.60
CA GLY C 9 35.82 -19.94 -33.99
C GLY C 9 36.69 -21.18 -34.14
N GLY C 10 37.00 -21.49 -35.40
CA GLY C 10 37.87 -22.58 -35.73
C GLY C 10 37.24 -23.48 -36.77
N LEU C 11 37.79 -24.69 -36.87
CA LEU C 11 37.34 -25.70 -37.83
C LEU C 11 36.79 -26.88 -37.02
N VAL C 12 35.50 -26.85 -36.73
CA VAL C 12 34.86 -27.90 -35.95
C VAL C 12 34.16 -28.86 -36.89
N GLN C 13 33.85 -30.04 -36.35
CA GLN C 13 33.14 -31.10 -37.05
C GLN C 13 31.72 -31.25 -36.52
N PRO C 14 30.82 -31.85 -37.29
CA PRO C 14 29.47 -32.14 -36.75
C PRO C 14 29.53 -33.02 -35.53
N GLY C 15 28.70 -32.68 -34.53
CA GLY C 15 28.72 -33.36 -33.26
C GLY C 15 29.78 -32.90 -32.29
N GLY C 16 30.59 -31.91 -32.67
CA GLY C 16 31.64 -31.41 -31.81
C GLY C 16 31.13 -30.40 -30.80
N SER C 17 32.08 -29.80 -30.09
CA SER C 17 31.76 -28.85 -29.04
C SER C 17 32.58 -27.58 -29.21
N LEU C 18 31.99 -26.45 -28.81
CA LEU C 18 32.66 -25.16 -28.87
C LEU C 18 32.06 -24.26 -27.79
N ARG C 19 32.82 -23.23 -27.42
CA ARG C 19 32.39 -22.27 -26.40
C ARG C 19 32.76 -20.87 -26.89
N LEU C 20 31.83 -20.24 -27.60
CA LEU C 20 32.00 -18.86 -28.00
C LEU C 20 31.85 -17.95 -26.79
N SER C 21 32.63 -16.87 -26.79
CA SER C 21 32.67 -15.96 -25.65
C SER C 21 32.95 -14.55 -26.17
N CYS C 22 32.03 -13.62 -25.91
CA CYS C 22 32.29 -12.22 -26.19
C CYS C 22 32.34 -11.45 -24.88
N THR C 23 33.41 -10.67 -24.69
CA THR C 23 33.74 -10.03 -23.43
C THR C 23 33.36 -8.56 -23.50
N ALA C 24 32.63 -8.08 -22.48
CA ALA C 24 32.26 -6.68 -22.37
C ALA C 24 33.34 -5.93 -21.60
N SER C 25 33.86 -4.87 -22.20
CA SER C 25 34.86 -4.03 -21.54
C SER C 25 34.21 -2.85 -20.81
N GLY C 26 33.50 -2.01 -21.54
CA GLY C 26 32.91 -0.82 -20.96
C GLY C 26 31.75 -1.07 -20.03
N ILE C 27 30.63 -1.56 -20.58
CA ILE C 27 29.43 -1.80 -19.81
C ILE C 27 29.60 -3.05 -18.95
N ALA C 28 28.69 -3.23 -17.99
CA ALA C 28 28.67 -4.40 -17.14
C ALA C 28 27.47 -5.27 -17.47
N LEU C 29 27.69 -6.59 -17.53
CA LEU C 29 26.61 -7.47 -18.01
C LEU C 29 25.85 -8.11 -16.84
N HIS C 30 25.28 -7.28 -15.97
CA HIS C 30 24.40 -7.81 -14.89
C HIS C 30 23.33 -6.72 -14.77
N THR C 31 23.55 -5.62 -15.51
CA THR C 31 22.58 -4.52 -15.52
C THR C 31 22.18 -4.29 -16.95
N HIS C 32 22.93 -4.87 -17.89
CA HIS C 32 22.57 -4.77 -19.34
C HIS C 32 22.05 -6.14 -19.81
N ALA C 33 21.27 -6.16 -20.89
CA ALA C 33 20.73 -7.43 -21.42
C ALA C 33 21.36 -7.74 -22.76
N THR C 34 22.04 -8.88 -22.88
CA THR C 34 22.76 -9.21 -24.13
C THR C 34 22.12 -10.38 -24.84
N GLY C 35 22.66 -10.75 -26.00
CA GLY C 35 22.18 -11.89 -26.75
C GLY C 35 23.12 -12.15 -27.92
N TRP C 36 22.80 -13.19 -28.68
CA TRP C 36 23.62 -13.59 -29.81
C TRP C 36 22.80 -13.55 -31.10
N PHE C 37 23.43 -13.07 -32.16
CA PHE C 37 22.84 -13.04 -33.50
C PHE C 37 23.86 -13.53 -34.50
N ARG C 38 23.37 -14.11 -35.59
CA ARG C 38 24.23 -14.68 -36.62
C ARG C 38 23.64 -14.36 -37.99
N GLN C 39 24.50 -14.40 -39.01
CA GLN C 39 24.09 -14.15 -40.38
C GLN C 39 24.79 -15.15 -41.29
N ALA C 40 24.02 -16.07 -41.85
CA ALA C 40 24.56 -16.98 -42.86
C ALA C 40 24.80 -16.21 -44.16
N PRO C 41 25.79 -16.62 -44.96
CA PRO C 41 25.99 -15.99 -46.27
C PRO C 41 24.79 -16.24 -47.19
N GLY C 42 24.39 -15.18 -47.89
CA GLY C 42 23.23 -15.26 -48.76
C GLY C 42 21.88 -15.22 -48.06
N LYS C 43 21.86 -14.98 -46.76
CA LYS C 43 20.63 -14.94 -45.98
C LYS C 43 20.60 -13.67 -45.15
N GLU C 44 19.47 -13.41 -44.51
CA GLU C 44 19.29 -12.29 -43.61
C GLU C 44 19.50 -12.76 -42.17
N ARG C 45 20.00 -11.85 -41.34
CA ARG C 45 20.48 -12.22 -40.01
C ARG C 45 19.34 -12.51 -39.05
N GLU C 46 19.52 -13.53 -38.22
CA GLU C 46 18.50 -14.03 -37.31
C GLU C 46 19.14 -14.27 -35.94
N GLY C 47 18.37 -14.00 -34.88
CA GLY C 47 18.89 -14.12 -33.54
C GLY C 47 19.15 -15.55 -33.12
N VAL C 48 19.86 -15.70 -32.00
CA VAL C 48 20.26 -16.98 -31.47
C VAL C 48 19.76 -17.20 -30.04
N SER C 49 20.03 -16.26 -29.15
CA SER C 49 19.67 -16.42 -27.73
C SER C 49 19.60 -15.05 -27.08
N CYS C 50 19.22 -15.04 -25.80
CA CYS C 50 19.24 -13.84 -24.99
C CYS C 50 19.36 -14.23 -23.52
N ILE C 51 19.91 -13.31 -22.75
CA ILE C 51 19.81 -13.32 -21.28
C ILE C 51 19.31 -11.94 -20.86
N SER C 52 18.46 -11.92 -19.84
CA SER C 52 17.78 -10.69 -19.43
C SER C 52 18.18 -10.32 -18.01
N SER C 53 18.61 -9.06 -17.85
CA SER C 53 19.04 -8.48 -16.57
C SER C 53 20.10 -9.33 -15.90
N GLY C 54 19.79 -9.82 -14.69
CA GLY C 54 20.71 -10.67 -13.97
C GLY C 54 20.09 -12.00 -13.59
N ASP C 55 18.77 -12.11 -13.74
CA ASP C 55 18.09 -13.34 -13.33
C ASP C 55 18.38 -14.48 -14.29
N GLY C 56 18.30 -14.24 -15.59
CA GLY C 56 18.50 -15.28 -16.58
C GLY C 56 17.20 -15.86 -17.07
N THR C 57 16.80 -15.47 -18.28
CA THR C 57 15.50 -15.81 -18.85
C THR C 57 15.76 -16.22 -20.31
N THR C 58 16.60 -17.25 -20.47
CA THR C 58 17.08 -17.73 -21.77
C THR C 58 15.94 -17.95 -22.77
N TYR C 59 16.13 -17.42 -23.97
CA TYR C 59 15.08 -17.36 -24.99
C TYR C 59 15.65 -17.84 -26.32
N TYR C 60 15.03 -18.88 -26.88
CA TYR C 60 15.51 -19.51 -28.11
C TYR C 60 14.44 -19.45 -29.19
N GLU C 61 14.86 -19.69 -30.43
CA GLU C 61 13.95 -19.78 -31.57
C GLU C 61 13.84 -21.22 -32.06
N ASP C 62 12.80 -21.46 -32.87
CA ASP C 62 12.46 -22.82 -33.28
C ASP C 62 13.54 -23.44 -34.15
N SER C 63 14.17 -22.66 -35.03
CA SER C 63 15.21 -23.19 -35.90
C SER C 63 16.54 -23.37 -35.19
N VAL C 64 16.70 -22.79 -33.99
CA VAL C 64 17.99 -22.79 -33.30
C VAL C 64 17.95 -23.47 -31.96
N GLU C 65 16.77 -23.81 -31.43
CA GLU C 65 16.70 -24.42 -30.10
C GLU C 65 17.10 -25.89 -30.15
N GLY C 66 17.40 -26.43 -28.96
CA GLY C 66 17.75 -27.82 -28.81
C GLY C 66 19.23 -28.13 -28.95
N ARG C 67 20.04 -27.17 -29.41
CA ARG C 67 21.47 -27.37 -29.55
C ARG C 67 22.33 -26.32 -28.86
N PHE C 68 21.75 -25.21 -28.41
CA PHE C 68 22.49 -24.11 -27.83
C PHE C 68 22.23 -24.03 -26.33
N THR C 69 23.27 -23.62 -25.59
CA THR C 69 23.18 -23.46 -24.14
C THR C 69 23.86 -22.14 -23.78
N ILE C 70 23.06 -21.08 -23.67
CA ILE C 70 23.59 -19.78 -23.28
C ILE C 70 23.85 -19.76 -21.78
N SER C 71 24.92 -19.08 -21.38
CA SER C 71 25.32 -19.00 -19.98
C SER C 71 26.13 -17.73 -19.79
N ARG C 72 26.29 -17.34 -18.53
CA ARG C 72 26.95 -16.08 -18.22
C ARG C 72 27.56 -16.17 -16.82
N ASP C 73 28.72 -15.54 -16.67
CA ASP C 73 29.40 -15.45 -15.38
C ASP C 73 29.54 -13.99 -15.02
N ASN C 74 29.12 -13.63 -13.80
CA ASN C 74 29.24 -12.27 -13.31
C ASN C 74 30.63 -11.95 -12.77
N ALA C 75 31.53 -12.94 -12.73
CA ALA C 75 32.88 -12.70 -12.24
C ALA C 75 33.76 -12.11 -13.33
N LYS C 76 33.91 -12.82 -14.44
CA LYS C 76 34.79 -12.40 -15.52
C LYS C 76 34.11 -11.47 -16.52
N ASN C 77 32.80 -11.19 -16.34
CA ASN C 77 32.02 -10.30 -17.19
C ASN C 77 32.04 -10.74 -18.66
N THR C 78 32.01 -12.05 -18.88
CA THR C 78 32.03 -12.62 -20.22
C THR C 78 30.86 -13.59 -20.36
N VAL C 79 30.04 -13.37 -21.38
CA VAL C 79 28.93 -14.27 -21.68
C VAL C 79 29.45 -15.44 -22.51
N TYR C 80 28.92 -16.63 -22.24
CA TYR C 80 29.38 -17.86 -22.88
C TYR C 80 28.26 -18.49 -23.69
N LEU C 81 28.58 -18.94 -24.89
CA LEU C 81 27.64 -19.66 -25.75
C LEU C 81 28.24 -21.03 -26.03
N GLN C 82 27.87 -22.02 -25.21
CA GLN C 82 28.39 -23.36 -25.37
C GLN C 82 27.67 -24.07 -26.51
N MET C 83 28.43 -24.74 -27.37
CA MET C 83 27.91 -25.44 -28.55
C MET C 83 27.88 -26.94 -28.26
N ASN C 84 26.69 -27.52 -28.32
CA ASN C 84 26.51 -28.96 -28.16
C ASN C 84 25.77 -29.52 -29.36
N SER C 85 26.34 -30.56 -29.97
CA SER C 85 25.77 -31.31 -31.11
C SER C 85 25.30 -30.39 -32.23
N LEU C 86 26.24 -29.66 -32.80
CA LEU C 86 25.93 -28.74 -33.89
C LEU C 86 25.76 -29.50 -35.21
N LYS C 87 24.99 -28.90 -36.11
CA LYS C 87 24.71 -29.46 -37.42
C LYS C 87 25.51 -28.73 -38.48
N LEU C 88 25.35 -29.18 -39.73
CA LEU C 88 26.18 -28.69 -40.83
C LEU C 88 25.70 -27.36 -41.40
N GLU C 89 24.48 -26.93 -41.09
CA GLU C 89 23.96 -25.67 -41.60
C GLU C 89 24.26 -24.49 -40.68
N ASP C 90 25.02 -24.71 -39.61
CA ASP C 90 25.29 -23.68 -38.61
C ASP C 90 26.49 -22.81 -38.95
N THR C 91 27.09 -22.98 -40.14
CA THR C 91 28.23 -22.16 -40.52
C THR C 91 27.77 -20.75 -40.85
N ALA C 92 28.23 -19.78 -40.06
CA ALA C 92 27.87 -18.38 -40.19
C ALA C 92 28.83 -17.57 -39.32
N VAL C 93 28.71 -16.25 -39.40
CA VAL C 93 29.46 -15.35 -38.54
C VAL C 93 28.53 -14.86 -37.43
N TYR C 94 29.02 -14.88 -36.20
CA TYR C 94 28.21 -14.60 -35.03
C TYR C 94 28.54 -13.22 -34.45
N TYR C 95 27.50 -12.51 -34.03
CA TYR C 95 27.61 -11.20 -33.42
C TYR C 95 26.88 -11.24 -32.08
N CYS C 96 27.31 -10.40 -31.15
CA CYS C 96 26.58 -10.21 -29.90
C CYS C 96 26.39 -8.71 -29.64
N ALA C 97 25.19 -8.34 -29.23
CA ALA C 97 24.86 -6.96 -28.89
C ALA C 97 24.06 -6.93 -27.61
N ALA C 98 24.23 -5.87 -26.84
CA ALA C 98 23.62 -5.75 -25.52
C ALA C 98 22.85 -4.43 -25.43
N ASP C 99 21.67 -4.49 -24.83
CA ASP C 99 20.82 -3.32 -24.66
C ASP C 99 20.49 -3.16 -23.19
N PRO C 100 20.50 -1.93 -22.66
CA PRO C 100 20.17 -1.73 -21.25
C PRO C 100 18.73 -2.05 -20.94
N GLY C 101 18.50 -2.53 -19.71
CA GLY C 101 17.20 -2.99 -19.28
C GLY C 101 16.95 -4.43 -19.68
N ALA C 102 15.94 -5.03 -19.04
CA ALA C 102 15.51 -6.39 -19.36
C ALA C 102 14.77 -6.34 -20.69
N VAL C 103 15.54 -6.36 -21.78
CA VAL C 103 15.04 -5.91 -23.06
C VAL C 103 14.33 -7.03 -23.82
N CYS C 104 14.76 -8.28 -23.71
CA CYS C 104 14.27 -9.32 -24.59
C CYS C 104 12.98 -9.93 -24.06
N HIS C 105 11.91 -9.78 -24.85
CA HIS C 105 10.58 -10.35 -24.62
C HIS C 105 10.01 -9.91 -23.27
N SER C 106 9.77 -8.60 -23.19
CA SER C 106 9.25 -7.94 -22.01
C SER C 106 7.99 -7.15 -22.36
N GLY C 107 7.07 -7.80 -23.07
CA GLY C 107 5.84 -7.17 -23.50
C GLY C 107 5.38 -7.72 -24.83
N SER C 108 5.15 -6.82 -25.78
CA SER C 108 4.90 -7.22 -27.16
C SER C 108 6.16 -7.13 -28.02
N TYR C 109 7.32 -6.94 -27.39
CA TYR C 109 8.58 -6.72 -28.09
C TYR C 109 9.55 -7.86 -27.83
N TYR C 110 9.96 -8.65 -28.83
CA TYR C 110 11.04 -9.64 -28.60
C TYR C 110 12.27 -9.06 -29.28
N TYR C 111 13.41 -9.75 -29.28
CA TYR C 111 14.65 -9.14 -29.83
C TYR C 111 14.72 -9.32 -31.36
N THR C 112 13.69 -9.91 -31.97
CA THR C 112 13.64 -9.99 -33.43
C THR C 112 13.85 -8.60 -33.97
N ASP C 113 13.09 -7.61 -33.49
CA ASP C 113 13.39 -6.22 -33.93
C ASP C 113 14.87 -5.98 -33.59
N ASP C 114 15.75 -5.97 -34.59
CA ASP C 114 17.22 -5.90 -34.33
C ASP C 114 17.64 -4.52 -33.82
N ASP C 115 16.70 -3.60 -33.58
CA ASP C 115 17.15 -2.30 -33.03
C ASP C 115 18.11 -2.59 -31.86
N PHE C 116 19.42 -2.67 -32.09
CA PHE C 116 20.27 -3.01 -30.92
C PHE C 116 21.43 -2.05 -30.81
N TYR C 117 21.71 -1.58 -29.59
CA TYR C 117 22.88 -0.70 -29.37
C TYR C 117 24.12 -1.54 -29.28
N TYR C 118 25.14 -1.03 -28.59
CA TYR C 118 26.43 -1.73 -28.50
C TYR C 118 26.52 -2.91 -29.46
N ARG C 119 26.85 -2.67 -30.73
CA ARG C 119 27.06 -3.75 -31.68
C ARG C 119 28.52 -4.20 -31.68
N GLY C 120 28.74 -5.51 -31.74
CA GLY C 120 30.07 -6.07 -31.74
C GLY C 120 30.65 -6.27 -33.12
N GLN C 121 31.92 -6.70 -33.15
CA GLN C 121 32.63 -6.87 -34.42
C GLN C 121 32.29 -8.19 -35.09
N GLY C 122 32.60 -9.30 -34.43
CA GLY C 122 32.23 -10.62 -34.94
C GLY C 122 33.36 -11.63 -35.01
N THR C 123 33.01 -12.91 -35.02
CA THR C 123 33.95 -14.01 -35.18
C THR C 123 33.33 -15.08 -36.08
N GLN C 124 34.12 -15.54 -37.05
CA GLN C 124 33.66 -16.49 -38.05
C GLN C 124 33.75 -17.90 -37.49
N VAL C 125 32.64 -18.62 -37.49
CA VAL C 125 32.57 -20.00 -36.99
C VAL C 125 32.04 -20.87 -38.12
N THR C 126 32.85 -21.84 -38.55
CA THR C 126 32.49 -22.73 -39.64
C THR C 126 32.56 -24.18 -39.20
N VAL C 127 31.78 -25.03 -39.87
CA VAL C 127 31.74 -26.45 -39.58
C VAL C 127 31.69 -27.20 -40.90
N SER C 128 32.44 -28.30 -40.99
CA SER C 128 32.51 -29.12 -42.19
C SER C 128 33.05 -30.48 -41.81
N SER C 129 33.19 -31.35 -42.80
CA SER C 129 33.74 -32.69 -42.60
C SER C 129 35.02 -32.87 -43.40
N GLN D 1 -26.06 -9.98 0.04
CA GLN D 1 -24.80 -10.50 0.55
C GLN D 1 -23.62 -9.72 -0.01
N VAL D 2 -22.71 -9.31 0.87
CA VAL D 2 -21.54 -8.55 0.44
C VAL D 2 -20.58 -9.48 -0.30
N GLN D 3 -20.19 -9.09 -1.50
CA GLN D 3 -19.32 -9.89 -2.35
C GLN D 3 -18.10 -9.09 -2.75
N LEU D 4 -16.98 -9.79 -2.90
CA LEU D 4 -15.71 -9.20 -3.30
C LEU D 4 -15.28 -9.83 -4.62
N GLN D 5 -14.97 -9.00 -5.60
CA GLN D 5 -14.66 -9.46 -6.95
C GLN D 5 -13.25 -9.02 -7.34
N GLU D 6 -12.46 -9.97 -7.84
CA GLU D 6 -11.10 -9.69 -8.29
C GLU D 6 -11.05 -9.49 -9.80
N SER D 7 -9.95 -8.88 -10.24
CA SER D 7 -9.69 -8.68 -11.66
C SER D 7 -8.19 -8.55 -11.86
N GLY D 8 -7.73 -8.99 -13.03
CA GLY D 8 -6.31 -8.95 -13.35
C GLY D 8 -5.79 -10.24 -13.93
N GLY D 9 -4.53 -10.57 -13.63
CA GLY D 9 -3.93 -11.78 -14.14
C GLY D 9 -3.52 -11.66 -15.59
N GLY D 10 -3.11 -12.80 -16.15
CA GLY D 10 -2.75 -12.84 -17.54
C GLY D 10 -1.57 -13.75 -17.86
N LEU D 11 -0.76 -13.35 -18.83
CA LEU D 11 0.36 -14.15 -19.31
C LEU D 11 1.65 -13.35 -19.17
N VAL D 12 1.89 -12.79 -17.98
CA VAL D 12 3.08 -11.98 -17.73
C VAL D 12 4.34 -12.82 -17.88
N GLN D 13 5.43 -12.18 -18.26
CA GLN D 13 6.73 -12.81 -18.45
C GLN D 13 7.64 -12.46 -17.27
N PRO D 14 8.67 -13.27 -17.01
CA PRO D 14 9.57 -12.99 -15.87
C PRO D 14 10.28 -11.66 -16.03
N GLY D 15 10.19 -10.83 -15.00
CA GLY D 15 10.60 -9.44 -15.06
C GLY D 15 9.49 -8.46 -15.33
N GLY D 16 8.27 -8.94 -15.57
CA GLY D 16 7.14 -8.08 -15.85
C GLY D 16 6.44 -7.61 -14.60
N SER D 17 5.21 -7.12 -14.80
CA SER D 17 4.45 -6.56 -13.70
C SER D 17 2.95 -6.72 -13.97
N LEU D 18 2.18 -6.81 -12.89
CA LEU D 18 0.72 -6.79 -12.98
C LEU D 18 0.15 -6.01 -11.81
N ARG D 19 -1.09 -5.56 -11.97
CA ARG D 19 -1.84 -4.85 -10.95
C ARG D 19 -3.15 -5.59 -10.71
N LEU D 20 -3.25 -6.29 -9.59
CA LEU D 20 -4.48 -6.98 -9.21
C LEU D 20 -5.39 -6.02 -8.48
N SER D 21 -6.69 -6.13 -8.75
CA SER D 21 -7.70 -5.25 -8.16
C SER D 21 -8.78 -6.09 -7.50
N CYS D 22 -9.31 -5.61 -6.38
CA CYS D 22 -10.39 -6.27 -5.65
C CYS D 22 -11.42 -5.22 -5.27
N THR D 23 -12.63 -5.34 -5.83
CA THR D 23 -13.67 -4.33 -5.69
C THR D 23 -14.83 -4.90 -4.89
N ALA D 24 -15.35 -4.12 -3.94
CA ALA D 24 -16.42 -4.56 -3.06
C ALA D 24 -17.78 -4.06 -3.56
N SER D 25 -18.83 -4.48 -2.85
CA SER D 25 -20.19 -4.17 -3.26
C SER D 25 -21.03 -3.64 -2.10
N GLY D 26 -20.66 -3.97 -0.87
CA GLY D 26 -21.49 -3.58 0.26
C GLY D 26 -20.75 -2.99 1.44
N ILE D 27 -19.43 -3.06 1.45
CA ILE D 27 -18.63 -2.61 2.57
C ILE D 27 -17.64 -1.55 2.10
N ALA D 28 -17.21 -0.71 3.03
CA ALA D 28 -16.17 0.29 2.68
C ALA D 28 -14.81 -0.26 3.12
N LEU D 29 -13.91 -0.48 2.17
CA LEU D 29 -12.62 -1.11 2.55
C LEU D 29 -11.76 -0.09 3.32
N HIS D 30 -12.33 1.05 3.69
CA HIS D 30 -11.55 2.01 4.53
C HIS D 30 -11.96 1.86 6.00
N THR D 31 -12.91 0.97 6.27
CA THR D 31 -13.32 0.70 7.67
C THR D 31 -13.09 -0.76 7.96
N HIS D 32 -12.83 -1.55 6.93
CA HIS D 32 -12.51 -2.99 7.13
C HIS D 32 -11.01 -3.19 6.93
N ALA D 33 -10.51 -4.41 7.11
CA ALA D 33 -9.08 -4.70 6.89
C ALA D 33 -8.95 -5.68 5.73
N THR D 34 -8.20 -5.31 4.67
CA THR D 34 -8.14 -6.17 3.48
C THR D 34 -6.83 -6.93 3.44
N GLY D 35 -6.76 -7.97 2.62
CA GLY D 35 -5.55 -8.76 2.49
C GLY D 35 -5.56 -9.59 1.22
N TRP D 36 -4.42 -10.24 0.97
CA TRP D 36 -4.25 -11.12 -0.18
C TRP D 36 -3.62 -12.43 0.26
N PHE D 37 -4.07 -13.54 -0.34
CA PHE D 37 -3.57 -14.86 -0.04
C PHE D 37 -3.43 -15.62 -1.36
N ARG D 38 -2.57 -16.63 -1.39
CA ARG D 38 -2.31 -17.29 -2.66
C ARG D 38 -2.22 -18.81 -2.51
N GLN D 39 -2.52 -19.49 -3.62
CA GLN D 39 -2.54 -20.95 -3.74
C GLN D 39 -1.71 -21.40 -4.94
N ALA D 40 -0.48 -21.83 -4.69
CA ALA D 40 0.20 -22.63 -5.68
C ALA D 40 -0.34 -24.05 -5.65
N PRO D 41 -0.33 -24.76 -6.78
CA PRO D 41 -0.82 -26.15 -6.78
C PRO D 41 0.06 -27.06 -5.93
N GLY D 42 -0.59 -27.92 -5.16
CA GLY D 42 0.11 -28.84 -4.29
C GLY D 42 0.63 -28.24 -3.00
N LYS D 43 0.16 -27.06 -2.61
CA LYS D 43 0.63 -26.41 -1.40
C LYS D 43 -0.54 -25.97 -0.51
N GLU D 44 -0.23 -25.21 0.54
CA GLU D 44 -1.22 -24.65 1.45
C GLU D 44 -1.14 -23.13 1.40
N ARG D 45 -2.27 -22.48 1.67
CA ARG D 45 -2.41 -21.06 1.41
C ARG D 45 -1.60 -20.20 2.39
N GLU D 46 -0.94 -19.19 1.85
CA GLU D 46 -0.05 -18.31 2.61
C GLU D 46 -0.35 -16.88 2.21
N GLY D 47 -0.25 -15.97 3.18
CA GLY D 47 -0.60 -14.58 2.96
C GLY D 47 0.38 -13.86 2.05
N VAL D 48 -0.05 -12.68 1.61
CA VAL D 48 0.77 -11.85 0.73
C VAL D 48 0.94 -10.47 1.33
N SER D 49 -0.15 -9.79 1.66
CA SER D 49 -0.09 -8.43 2.17
C SER D 49 -1.36 -8.12 2.95
N CYS D 50 -1.35 -6.96 3.62
CA CYS D 50 -2.50 -6.47 4.37
C CYS D 50 -2.47 -4.95 4.45
N ILE D 51 -3.66 -4.37 4.65
CA ILE D 51 -3.82 -2.97 5.04
C ILE D 51 -4.78 -2.95 6.23
N SER D 52 -4.47 -2.14 7.23
CA SER D 52 -5.35 -1.98 8.38
C SER D 52 -6.51 -1.05 8.03
N SER D 53 -7.27 -0.62 9.04
CA SER D 53 -8.53 0.09 8.78
C SER D 53 -8.29 1.55 8.41
N GLY D 54 -7.76 2.33 9.34
CA GLY D 54 -7.53 3.75 9.12
C GLY D 54 -6.09 3.99 8.69
N ASP D 55 -5.92 4.93 7.75
CA ASP D 55 -4.64 5.23 7.11
C ASP D 55 -4.05 3.99 6.46
N GLY D 56 -3.52 3.09 7.28
CA GLY D 56 -3.13 1.78 6.82
C GLY D 56 -1.67 1.46 7.00
N THR D 57 -1.36 0.62 7.98
CA THR D 57 -0.02 0.05 8.11
C THR D 57 0.06 -1.18 7.21
N THR D 58 0.94 -1.11 6.23
CA THR D 58 1.08 -2.20 5.26
C THR D 58 2.05 -3.25 5.81
N TYR D 59 1.59 -4.50 5.86
CA TYR D 59 2.43 -5.62 6.26
C TYR D 59 2.69 -6.51 5.06
N TYR D 60 3.89 -7.07 4.99
CA TYR D 60 4.31 -7.87 3.86
C TYR D 60 4.96 -9.15 4.36
N GLU D 61 4.84 -10.21 3.57
CA GLU D 61 5.49 -11.45 3.95
C GLU D 61 6.95 -11.44 3.50
N ASP D 62 7.70 -12.44 3.97
CA ASP D 62 9.13 -12.47 3.71
C ASP D 62 9.45 -12.80 2.26
N SER D 63 8.59 -13.57 1.60
CA SER D 63 8.87 -13.99 0.23
C SER D 63 8.72 -12.86 -0.77
N VAL D 64 7.89 -11.85 -0.47
CA VAL D 64 7.49 -10.84 -1.42
C VAL D 64 7.86 -9.43 -0.96
N GLU D 65 8.80 -9.32 -0.04
CA GLU D 65 9.16 -8.01 0.50
C GLU D 65 9.95 -7.20 -0.52
N GLY D 66 9.64 -5.90 -0.59
CA GLY D 66 10.29 -4.99 -1.51
C GLY D 66 9.79 -5.05 -2.95
N ARG D 67 9.21 -6.15 -3.38
CA ARG D 67 8.75 -6.32 -4.75
C ARG D 67 7.32 -5.89 -4.96
N PHE D 68 6.43 -6.20 -4.01
CA PHE D 68 5.01 -5.98 -4.18
C PHE D 68 4.59 -4.73 -3.40
N THR D 69 3.52 -4.09 -3.86
CA THR D 69 3.02 -2.87 -3.24
C THR D 69 1.51 -2.96 -3.10
N ILE D 70 1.01 -2.72 -1.89
CA ILE D 70 -0.42 -2.75 -1.60
C ILE D 70 -0.89 -1.32 -1.37
N SER D 71 -2.06 -0.99 -1.92
CA SER D 71 -2.60 0.35 -1.83
C SER D 71 -4.11 0.31 -2.04
N ARG D 72 -4.80 1.32 -1.52
CA ARG D 72 -6.25 1.41 -1.59
C ARG D 72 -6.65 2.77 -2.15
N ASP D 73 -7.66 2.77 -3.02
CA ASP D 73 -8.31 3.99 -3.48
C ASP D 73 -9.71 4.02 -2.87
N ASN D 74 -10.02 5.08 -2.12
CA ASN D 74 -11.27 5.19 -1.41
C ASN D 74 -12.41 5.76 -2.24
N ALA D 75 -12.14 6.20 -3.46
CA ALA D 75 -13.21 6.70 -4.33
C ALA D 75 -13.94 5.57 -5.02
N LYS D 76 -13.18 4.63 -5.61
CA LYS D 76 -13.76 3.48 -6.28
C LYS D 76 -13.92 2.28 -5.35
N ASN D 77 -13.50 2.41 -4.09
CA ASN D 77 -13.62 1.37 -3.06
C ASN D 77 -12.95 0.07 -3.49
N THR D 78 -11.74 0.21 -4.04
CA THR D 78 -11.01 -0.92 -4.59
C THR D 78 -9.58 -0.91 -4.06
N VAL D 79 -9.10 -2.07 -3.62
CA VAL D 79 -7.72 -2.23 -3.18
C VAL D 79 -6.90 -2.78 -4.35
N TYR D 80 -5.65 -2.32 -4.46
CA TYR D 80 -4.77 -2.69 -5.56
C TYR D 80 -3.52 -3.38 -5.03
N LEU D 81 -3.06 -4.40 -5.76
CA LEU D 81 -1.79 -5.06 -5.50
C LEU D 81 -0.92 -4.89 -6.74
N GLN D 82 0.05 -3.98 -6.66
CA GLN D 82 0.99 -3.76 -7.75
C GLN D 82 2.17 -4.69 -7.54
N MET D 83 2.28 -5.68 -8.41
CA MET D 83 3.33 -6.70 -8.31
C MET D 83 4.44 -6.36 -9.29
N ASN D 84 5.68 -6.26 -8.79
CA ASN D 84 6.82 -5.90 -9.62
C ASN D 84 7.85 -7.01 -9.60
N SER D 85 8.47 -7.25 -10.76
CA SER D 85 9.57 -8.21 -10.93
C SER D 85 9.16 -9.62 -10.48
N LEU D 86 8.17 -10.18 -11.18
CA LEU D 86 7.63 -11.48 -10.84
C LEU D 86 8.60 -12.58 -11.25
N LYS D 87 8.86 -13.50 -10.33
CA LYS D 87 9.68 -14.68 -10.59
C LYS D 87 8.81 -15.86 -10.95
N LEU D 88 9.44 -16.89 -11.51
CA LEU D 88 8.70 -18.02 -12.09
C LEU D 88 8.00 -18.88 -11.04
N GLU D 89 8.43 -18.81 -9.79
CA GLU D 89 7.77 -19.58 -8.73
C GLU D 89 6.59 -18.86 -8.12
N ASP D 90 6.27 -17.65 -8.59
CA ASP D 90 5.17 -16.87 -8.07
C ASP D 90 3.84 -17.19 -8.73
N THR D 91 3.80 -18.18 -9.61
CA THR D 91 2.54 -18.57 -10.23
C THR D 91 1.63 -19.25 -9.20
N ALA D 92 0.40 -18.76 -9.12
CA ALA D 92 -0.59 -19.19 -8.13
C ALA D 92 -1.93 -18.60 -8.52
N VAL D 93 -2.92 -18.76 -7.65
CA VAL D 93 -4.19 -18.05 -7.73
C VAL D 93 -4.34 -17.20 -6.47
N TYR D 94 -4.77 -15.96 -6.66
CA TYR D 94 -4.78 -14.97 -5.59
C TYR D 94 -6.20 -14.65 -5.15
N TYR D 95 -6.42 -14.59 -3.84
CA TYR D 95 -7.72 -14.30 -3.25
C TYR D 95 -7.62 -13.03 -2.42
N CYS D 96 -8.68 -12.22 -2.45
CA CYS D 96 -8.77 -11.04 -1.59
C CYS D 96 -9.85 -11.29 -0.53
N ALA D 97 -9.51 -10.95 0.71
CA ALA D 97 -10.39 -11.18 1.85
C ALA D 97 -10.45 -9.94 2.72
N ALA D 98 -11.56 -9.77 3.43
CA ALA D 98 -11.79 -8.61 4.28
C ALA D 98 -12.35 -9.06 5.62
N ASP D 99 -12.12 -8.23 6.64
CA ASP D 99 -12.54 -8.55 8.00
C ASP D 99 -12.81 -7.26 8.74
N PRO D 100 -13.85 -7.20 9.58
CA PRO D 100 -14.10 -5.98 10.35
C PRO D 100 -13.05 -5.75 11.42
N GLY D 101 -12.68 -4.48 11.59
CA GLY D 101 -11.68 -4.10 12.55
C GLY D 101 -10.27 -4.12 11.97
N ALA D 102 -9.36 -3.44 12.67
CA ALA D 102 -7.95 -3.44 12.29
C ALA D 102 -7.36 -4.78 12.73
N VAL D 103 -7.62 -5.79 11.91
CA VAL D 103 -7.41 -7.18 12.32
C VAL D 103 -5.94 -7.60 12.16
N CYS D 104 -5.18 -6.95 11.30
CA CYS D 104 -3.80 -7.34 11.07
C CYS D 104 -2.90 -6.80 12.16
N HIS D 105 -2.27 -7.73 12.91
CA HIS D 105 -1.30 -7.45 13.97
C HIS D 105 -1.91 -6.59 15.08
N SER D 106 -2.86 -7.18 15.79
CA SER D 106 -3.34 -6.67 17.07
C SER D 106 -2.93 -7.67 18.15
N GLY D 107 -2.00 -7.25 19.01
CA GLY D 107 -1.55 -8.12 20.08
C GLY D 107 -0.71 -9.27 19.57
N SER D 108 -0.93 -10.45 20.14
CA SER D 108 -0.26 -11.67 19.69
C SER D 108 -1.10 -12.38 18.63
N TYR D 109 -1.49 -11.62 17.61
CA TYR D 109 -2.29 -12.13 16.50
C TYR D 109 -1.72 -11.56 15.22
N TYR D 110 -1.84 -12.31 14.13
CA TYR D 110 -1.30 -11.86 12.86
C TYR D 110 -2.11 -12.53 11.76
N TYR D 111 -2.14 -11.90 10.58
CA TYR D 111 -3.09 -12.25 9.55
C TYR D 111 -2.77 -13.56 8.82
N THR D 112 -1.64 -14.19 9.12
CA THR D 112 -1.33 -15.51 8.55
C THR D 112 -2.34 -16.56 8.99
N ASP D 113 -2.91 -16.40 10.18
CA ASP D 113 -4.06 -17.20 10.59
C ASP D 113 -5.23 -16.85 9.68
N ASP D 114 -5.58 -17.76 8.79
CA ASP D 114 -6.47 -17.47 7.65
C ASP D 114 -7.91 -17.66 8.11
N ASP D 115 -8.48 -16.60 8.69
CA ASP D 115 -9.81 -16.69 9.27
C ASP D 115 -10.65 -15.44 8.97
N PHE D 116 -10.41 -14.80 7.84
CA PHE D 116 -11.18 -13.61 7.47
C PHE D 116 -12.62 -14.00 7.14
N TYR D 117 -13.54 -13.04 7.35
CA TYR D 117 -14.95 -13.33 7.19
C TYR D 117 -15.35 -13.28 5.71
N TYR D 118 -15.15 -12.14 5.06
CA TYR D 118 -15.44 -12.01 3.65
C TYR D 118 -14.31 -12.61 2.81
N ARG D 119 -14.66 -13.12 1.64
CA ARG D 119 -13.68 -13.70 0.72
C ARG D 119 -14.27 -13.69 -0.69
N GLY D 120 -13.49 -14.19 -1.64
CA GLY D 120 -13.87 -14.12 -3.04
C GLY D 120 -13.57 -15.38 -3.85
N GLN D 121 -13.55 -15.24 -5.18
CA GLN D 121 -13.41 -16.36 -6.10
C GLN D 121 -11.96 -16.63 -6.51
N GLY D 122 -11.19 -15.59 -6.80
CA GLY D 122 -9.80 -15.77 -7.16
C GLY D 122 -9.55 -15.56 -8.65
N THR D 123 -8.33 -15.11 -8.97
CA THR D 123 -7.91 -14.90 -10.34
C THR D 123 -6.55 -15.57 -10.56
N GLN D 124 -6.41 -16.30 -11.65
CA GLN D 124 -5.18 -17.02 -11.94
C GLN D 124 -4.11 -16.09 -12.48
N VAL D 125 -2.90 -16.22 -11.94
CA VAL D 125 -1.73 -15.50 -12.42
C VAL D 125 -0.67 -16.53 -12.76
N THR D 126 -0.22 -16.53 -14.01
CA THR D 126 0.83 -17.43 -14.46
C THR D 126 1.98 -16.62 -15.05
N VAL D 127 3.20 -17.14 -14.88
CA VAL D 127 4.40 -16.53 -15.42
C VAL D 127 5.38 -17.65 -15.79
N SER D 128 5.75 -17.71 -17.06
CA SER D 128 6.52 -18.81 -17.63
C SER D 128 6.91 -18.43 -19.05
N SER D 129 7.62 -19.36 -19.71
CA SER D 129 7.97 -19.29 -21.14
C SER D 129 8.74 -18.04 -21.52
#